data_1HPB
# 
_entry.id   1HPB 
# 
_audit_conform.dict_name       mmcif_pdbx.dic 
_audit_conform.dict_version    5.386 
_audit_conform.dict_location   http://mmcif.pdb.org/dictionaries/ascii/mmcif_pdbx.dic 
# 
loop_
_database_2.database_id 
_database_2.database_code 
_database_2.pdbx_database_accession 
_database_2.pdbx_DOI 
PDB   1HPB         pdb_00001hpb 10.2210/pdb1hpb/pdb 
WWPDB D_1000173950 ?            ?                   
# 
loop_
_pdbx_audit_revision_history.ordinal 
_pdbx_audit_revision_history.data_content_type 
_pdbx_audit_revision_history.major_revision 
_pdbx_audit_revision_history.minor_revision 
_pdbx_audit_revision_history.revision_date 
1 'Structure model' 1 0 1995-01-26 
2 'Structure model' 1 1 2008-03-24 
3 'Structure model' 1 2 2011-07-13 
4 'Structure model' 1 3 2017-11-29 
5 'Structure model' 1 4 2024-02-07 
# 
_pdbx_audit_revision_details.ordinal             1 
_pdbx_audit_revision_details.revision_ordinal    1 
_pdbx_audit_revision_details.data_content_type   'Structure model' 
_pdbx_audit_revision_details.provider            repository 
_pdbx_audit_revision_details.type                'Initial release' 
_pdbx_audit_revision_details.description         ? 
_pdbx_audit_revision_details.details             ? 
# 
loop_
_pdbx_audit_revision_group.ordinal 
_pdbx_audit_revision_group.revision_ordinal 
_pdbx_audit_revision_group.data_content_type 
_pdbx_audit_revision_group.group 
1 2 'Structure model' 'Version format compliance' 
2 3 'Structure model' 'Version format compliance' 
3 4 'Structure model' 'Derived calculations'      
4 4 'Structure model' Other                       
5 5 'Structure model' 'Data collection'           
6 5 'Structure model' 'Database references'       
7 5 'Structure model' 'Derived calculations'      
# 
loop_
_pdbx_audit_revision_category.ordinal 
_pdbx_audit_revision_category.revision_ordinal 
_pdbx_audit_revision_category.data_content_type 
_pdbx_audit_revision_category.category 
1 4 'Structure model' pdbx_database_status 
2 4 'Structure model' struct_conf          
3 4 'Structure model' struct_conf_type     
4 5 'Structure model' chem_comp_atom       
5 5 'Structure model' chem_comp_bond       
6 5 'Structure model' database_2           
7 5 'Structure model' struct_site          
# 
loop_
_pdbx_audit_revision_item.ordinal 
_pdbx_audit_revision_item.revision_ordinal 
_pdbx_audit_revision_item.data_content_type 
_pdbx_audit_revision_item.item 
1 4 'Structure model' '_pdbx_database_status.process_site'  
2 5 'Structure model' '_database_2.pdbx_DOI'                
3 5 'Structure model' '_database_2.pdbx_database_accession' 
4 5 'Structure model' '_struct_site.pdbx_auth_asym_id'      
5 5 'Structure model' '_struct_site.pdbx_auth_comp_id'      
6 5 'Structure model' '_struct_site.pdbx_auth_seq_id'       
# 
_pdbx_database_status.status_code                     REL 
_pdbx_database_status.entry_id                        1HPB 
_pdbx_database_status.recvd_initial_deposition_date   1993-09-30 
_pdbx_database_status.deposit_site                    ? 
_pdbx_database_status.process_site                    BNL 
_pdbx_database_status.SG_entry                        . 
_pdbx_database_status.pdb_format_compatible           Y 
_pdbx_database_status.status_code_mr                  ? 
_pdbx_database_status.status_code_sf                  ? 
_pdbx_database_status.status_code_cs                  ? 
_pdbx_database_status.methods_development_category    ? 
_pdbx_database_status.status_code_nmr_data            ? 
# 
loop_
_audit_author.name 
_audit_author.pdbx_ordinal 
'Kim, S.H.' 1 
'Oh, B.H.'  2 
# 
loop_
_citation.id 
_citation.title 
_citation.journal_abbrev 
_citation.journal_volume 
_citation.page_first 
_citation.page_last 
_citation.year 
_citation.journal_id_ASTM 
_citation.country 
_citation.journal_id_ISSN 
_citation.journal_id_CSD 
_citation.book_publisher 
_citation.pdbx_database_id_PubMed 
_citation.pdbx_database_id_DOI 
primary 
;The bacterial periplasmic histidine-binding protein. structure/function analysis of the ligand-binding site and comparison with related proteins.
;
J.Biol.Chem. 269 4135  4143 1994 JBCHA3 US 0021-9258 0071 ? 8307974 ? 
1       'Three-Dimensional Structures of the Periplasmic Lysine-, Arginine-, Ornithine-Binding Protein with and without a Ligand' 
J.Biol.Chem. 268 11348 ?    1993 JBCHA3 US 0021-9258 0071 ? ?       ? 
2       
'Crystal Structure of the Lysine-, Arginine-, Ornithine-Binding Protein from Salmonella Typhimurium at 2.7 Angstroms Resolution' 
J.Biol.Chem. 266 23893 ?    1992 JBCHA3 US 0021-9258 0071 ? ?       ? 
# 
loop_
_citation_author.citation_id 
_citation_author.name 
_citation_author.ordinal 
_citation_author.identifier_ORCID 
primary 'Oh, B.H.'      1  ? 
primary 'Kang, C.H.'    2  ? 
primary 'De Bondt, H.'  3  ? 
primary 'Kim, S.H.'     4  ? 
primary 'Nikaido, K.'   5  ? 
primary 'Joshi, A.K.'   6  ? 
primary 'Ames, G.F.'    7  ? 
1       'Oh, B.-H.'     8  ? 
1       'Pandit, J.'    9  ? 
1       'Kang, C.-H.'   10 ? 
1       'Nikaido, K.'   11 ? 
1       'Gokcen, S.'    12 ? 
1       'Ames, G.F.'    13 ? 
1       'Kim, S.-H.'    14 ? 
2       'Kang, C.-H.'   15 ? 
2       'Shin, W.-C.'   16 ? 
2       'Yamagata, Y.'  17 ? 
2       'Gokcen, S.'    18 ? 
2       'Ames, G.F.-L.' 19 ? 
2       'Kim, S.-H.'    20 ? 
# 
loop_
_entity.id 
_entity.type 
_entity.src_method 
_entity.pdbx_description 
_entity.formula_weight 
_entity.pdbx_number_of_molecules 
_entity.pdbx_ec 
_entity.pdbx_mutation 
_entity.pdbx_fragment 
_entity.details 
1 polymer     man 'HISTIDINE-BINDING PROTEIN' 26189.613 1 ? ? ? ? 
2 non-polymer syn HISTIDINE                   156.162   1 ? ? ? ? 
# 
_entity_poly.entity_id                      1 
_entity_poly.type                           'polypeptide(L)' 
_entity_poly.nstd_linkage                   no 
_entity_poly.nstd_monomer                   no 
_entity_poly.pdbx_seq_one_letter_code       
;AIPQKIRIGTDPTYAPFESKNAQGELVGFDIDLAKELCKRINTQCTFVENPLDALIPSLKAKKIDAIMSSLSITEKRQQE
IAFTDKLYAADSRLVVAKNSDIQPTVASLKGKRVGVLQGTTQETFGNEHWAPKGIEIVSYQGQDNIYSDLTAGRIDAAFQ
DEVAASEGFLKQPVGKDYKFGGPAVKDEKLFGVGTGMGLRKEDNELREALNKAFAEMRADGTYEKLAKKYFDFDVYGG
;
_entity_poly.pdbx_seq_one_letter_code_can   
;AIPQKIRIGTDPTYAPFESKNAQGELVGFDIDLAKELCKRINTQCTFVENPLDALIPSLKAKKIDAIMSSLSITEKRQQE
IAFTDKLYAADSRLVVAKNSDIQPTVASLKGKRVGVLQGTTQETFGNEHWAPKGIEIVSYQGQDNIYSDLTAGRIDAAFQ
DEVAASEGFLKQPVGKDYKFGGPAVKDEKLFGVGTGMGLRKEDNELREALNKAFAEMRADGTYEKLAKKYFDFDVYGG
;
_entity_poly.pdbx_strand_id                 P 
_entity_poly.pdbx_target_identifier         ? 
# 
_pdbx_entity_nonpoly.entity_id   2 
_pdbx_entity_nonpoly.name        HISTIDINE 
_pdbx_entity_nonpoly.comp_id     HIS 
# 
loop_
_entity_poly_seq.entity_id 
_entity_poly_seq.num 
_entity_poly_seq.mon_id 
_entity_poly_seq.hetero 
1 1   ALA n 
1 2   ILE n 
1 3   PRO n 
1 4   GLN n 
1 5   LYS n 
1 6   ILE n 
1 7   ARG n 
1 8   ILE n 
1 9   GLY n 
1 10  THR n 
1 11  ASP n 
1 12  PRO n 
1 13  THR n 
1 14  TYR n 
1 15  ALA n 
1 16  PRO n 
1 17  PHE n 
1 18  GLU n 
1 19  SER n 
1 20  LYS n 
1 21  ASN n 
1 22  ALA n 
1 23  GLN n 
1 24  GLY n 
1 25  GLU n 
1 26  LEU n 
1 27  VAL n 
1 28  GLY n 
1 29  PHE n 
1 30  ASP n 
1 31  ILE n 
1 32  ASP n 
1 33  LEU n 
1 34  ALA n 
1 35  LYS n 
1 36  GLU n 
1 37  LEU n 
1 38  CYS n 
1 39  LYS n 
1 40  ARG n 
1 41  ILE n 
1 42  ASN n 
1 43  THR n 
1 44  GLN n 
1 45  CYS n 
1 46  THR n 
1 47  PHE n 
1 48  VAL n 
1 49  GLU n 
1 50  ASN n 
1 51  PRO n 
1 52  LEU n 
1 53  ASP n 
1 54  ALA n 
1 55  LEU n 
1 56  ILE n 
1 57  PRO n 
1 58  SER n 
1 59  LEU n 
1 60  LYS n 
1 61  ALA n 
1 62  LYS n 
1 63  LYS n 
1 64  ILE n 
1 65  ASP n 
1 66  ALA n 
1 67  ILE n 
1 68  MET n 
1 69  SER n 
1 70  SER n 
1 71  LEU n 
1 72  SER n 
1 73  ILE n 
1 74  THR n 
1 75  GLU n 
1 76  LYS n 
1 77  ARG n 
1 78  GLN n 
1 79  GLN n 
1 80  GLU n 
1 81  ILE n 
1 82  ALA n 
1 83  PHE n 
1 84  THR n 
1 85  ASP n 
1 86  LYS n 
1 87  LEU n 
1 88  TYR n 
1 89  ALA n 
1 90  ALA n 
1 91  ASP n 
1 92  SER n 
1 93  ARG n 
1 94  LEU n 
1 95  VAL n 
1 96  VAL n 
1 97  ALA n 
1 98  LYS n 
1 99  ASN n 
1 100 SER n 
1 101 ASP n 
1 102 ILE n 
1 103 GLN n 
1 104 PRO n 
1 105 THR n 
1 106 VAL n 
1 107 ALA n 
1 108 SER n 
1 109 LEU n 
1 110 LYS n 
1 111 GLY n 
1 112 LYS n 
1 113 ARG n 
1 114 VAL n 
1 115 GLY n 
1 116 VAL n 
1 117 LEU n 
1 118 GLN n 
1 119 GLY n 
1 120 THR n 
1 121 THR n 
1 122 GLN n 
1 123 GLU n 
1 124 THR n 
1 125 PHE n 
1 126 GLY n 
1 127 ASN n 
1 128 GLU n 
1 129 HIS n 
1 130 TRP n 
1 131 ALA n 
1 132 PRO n 
1 133 LYS n 
1 134 GLY n 
1 135 ILE n 
1 136 GLU n 
1 137 ILE n 
1 138 VAL n 
1 139 SER n 
1 140 TYR n 
1 141 GLN n 
1 142 GLY n 
1 143 GLN n 
1 144 ASP n 
1 145 ASN n 
1 146 ILE n 
1 147 TYR n 
1 148 SER n 
1 149 ASP n 
1 150 LEU n 
1 151 THR n 
1 152 ALA n 
1 153 GLY n 
1 154 ARG n 
1 155 ILE n 
1 156 ASP n 
1 157 ALA n 
1 158 ALA n 
1 159 PHE n 
1 160 GLN n 
1 161 ASP n 
1 162 GLU n 
1 163 VAL n 
1 164 ALA n 
1 165 ALA n 
1 166 SER n 
1 167 GLU n 
1 168 GLY n 
1 169 PHE n 
1 170 LEU n 
1 171 LYS n 
1 172 GLN n 
1 173 PRO n 
1 174 VAL n 
1 175 GLY n 
1 176 LYS n 
1 177 ASP n 
1 178 TYR n 
1 179 LYS n 
1 180 PHE n 
1 181 GLY n 
1 182 GLY n 
1 183 PRO n 
1 184 ALA n 
1 185 VAL n 
1 186 LYS n 
1 187 ASP n 
1 188 GLU n 
1 189 LYS n 
1 190 LEU n 
1 191 PHE n 
1 192 GLY n 
1 193 VAL n 
1 194 GLY n 
1 195 THR n 
1 196 GLY n 
1 197 MET n 
1 198 GLY n 
1 199 LEU n 
1 200 ARG n 
1 201 LYS n 
1 202 GLU n 
1 203 ASP n 
1 204 ASN n 
1 205 GLU n 
1 206 LEU n 
1 207 ARG n 
1 208 GLU n 
1 209 ALA n 
1 210 LEU n 
1 211 ASN n 
1 212 LYS n 
1 213 ALA n 
1 214 PHE n 
1 215 ALA n 
1 216 GLU n 
1 217 MET n 
1 218 ARG n 
1 219 ALA n 
1 220 ASP n 
1 221 GLY n 
1 222 THR n 
1 223 TYR n 
1 224 GLU n 
1 225 LYS n 
1 226 LEU n 
1 227 ALA n 
1 228 LYS n 
1 229 LYS n 
1 230 TYR n 
1 231 PHE n 
1 232 ASP n 
1 233 PHE n 
1 234 ASP n 
1 235 VAL n 
1 236 TYR n 
1 237 GLY n 
1 238 GLY n 
# 
_entity_src_gen.entity_id                          1 
_entity_src_gen.pdbx_src_id                        1 
_entity_src_gen.pdbx_alt_source_flag               sample 
_entity_src_gen.pdbx_seq_type                      ? 
_entity_src_gen.pdbx_beg_seq_num                   ? 
_entity_src_gen.pdbx_end_seq_num                   ? 
_entity_src_gen.gene_src_common_name               ? 
_entity_src_gen.gene_src_genus                     Salmonella 
_entity_src_gen.pdbx_gene_src_gene                 ? 
_entity_src_gen.gene_src_species                   ? 
_entity_src_gen.gene_src_strain                    ? 
_entity_src_gen.gene_src_tissue                    ? 
_entity_src_gen.gene_src_tissue_fraction           ? 
_entity_src_gen.gene_src_details                   ? 
_entity_src_gen.pdbx_gene_src_fragment             ? 
_entity_src_gen.pdbx_gene_src_scientific_name      'Salmonella typhimurium' 
_entity_src_gen.pdbx_gene_src_ncbi_taxonomy_id     602 
_entity_src_gen.pdbx_gene_src_variant              ? 
_entity_src_gen.pdbx_gene_src_cell_line            ? 
_entity_src_gen.pdbx_gene_src_atcc                 ? 
_entity_src_gen.pdbx_gene_src_organ                ? 
_entity_src_gen.pdbx_gene_src_organelle            ? 
_entity_src_gen.pdbx_gene_src_cell                 ? 
_entity_src_gen.pdbx_gene_src_cellular_location    ? 
_entity_src_gen.host_org_common_name               ? 
_entity_src_gen.pdbx_host_org_scientific_name      ? 
_entity_src_gen.pdbx_host_org_ncbi_taxonomy_id     ? 
_entity_src_gen.host_org_genus                     ? 
_entity_src_gen.pdbx_host_org_gene                 ? 
_entity_src_gen.pdbx_host_org_organ                ? 
_entity_src_gen.host_org_species                   ? 
_entity_src_gen.pdbx_host_org_tissue               ? 
_entity_src_gen.pdbx_host_org_tissue_fraction      ? 
_entity_src_gen.pdbx_host_org_strain               ? 
_entity_src_gen.pdbx_host_org_variant              ? 
_entity_src_gen.pdbx_host_org_cell_line            ? 
_entity_src_gen.pdbx_host_org_atcc                 ? 
_entity_src_gen.pdbx_host_org_culture_collection   ? 
_entity_src_gen.pdbx_host_org_cell                 ? 
_entity_src_gen.pdbx_host_org_organelle            ? 
_entity_src_gen.pdbx_host_org_cellular_location    ? 
_entity_src_gen.pdbx_host_org_vector_type          ? 
_entity_src_gen.pdbx_host_org_vector               ? 
_entity_src_gen.host_org_details                   ? 
_entity_src_gen.expression_system_id               ? 
_entity_src_gen.plasmid_name                       ? 
_entity_src_gen.plasmid_details                    ? 
_entity_src_gen.pdbx_description                   ? 
# 
loop_
_chem_comp.id 
_chem_comp.type 
_chem_comp.mon_nstd_flag 
_chem_comp.name 
_chem_comp.pdbx_synonyms 
_chem_comp.formula 
_chem_comp.formula_weight 
ALA 'L-peptide linking' y ALANINE         ? 'C3 H7 N O2'     89.093  
ARG 'L-peptide linking' y ARGININE        ? 'C6 H15 N4 O2 1' 175.209 
ASN 'L-peptide linking' y ASPARAGINE      ? 'C4 H8 N2 O3'    132.118 
ASP 'L-peptide linking' y 'ASPARTIC ACID' ? 'C4 H7 N O4'     133.103 
CYS 'L-peptide linking' y CYSTEINE        ? 'C3 H7 N O2 S'   121.158 
GLN 'L-peptide linking' y GLUTAMINE       ? 'C5 H10 N2 O3'   146.144 
GLU 'L-peptide linking' y 'GLUTAMIC ACID' ? 'C5 H9 N O4'     147.129 
GLY 'peptide linking'   y GLYCINE         ? 'C2 H5 N O2'     75.067  
HIS 'L-peptide linking' y HISTIDINE       ? 'C6 H10 N3 O2 1' 156.162 
ILE 'L-peptide linking' y ISOLEUCINE      ? 'C6 H13 N O2'    131.173 
LEU 'L-peptide linking' y LEUCINE         ? 'C6 H13 N O2'    131.173 
LYS 'L-peptide linking' y LYSINE          ? 'C6 H15 N2 O2 1' 147.195 
MET 'L-peptide linking' y METHIONINE      ? 'C5 H11 N O2 S'  149.211 
PHE 'L-peptide linking' y PHENYLALANINE   ? 'C9 H11 N O2'    165.189 
PRO 'L-peptide linking' y PROLINE         ? 'C5 H9 N O2'     115.130 
SER 'L-peptide linking' y SERINE          ? 'C3 H7 N O3'     105.093 
THR 'L-peptide linking' y THREONINE       ? 'C4 H9 N O3'     119.119 
TRP 'L-peptide linking' y TRYPTOPHAN      ? 'C11 H12 N2 O2'  204.225 
TYR 'L-peptide linking' y TYROSINE        ? 'C9 H11 N O3'    181.189 
VAL 'L-peptide linking' y VALINE          ? 'C5 H11 N O2'    117.146 
# 
loop_
_pdbx_poly_seq_scheme.asym_id 
_pdbx_poly_seq_scheme.entity_id 
_pdbx_poly_seq_scheme.seq_id 
_pdbx_poly_seq_scheme.mon_id 
_pdbx_poly_seq_scheme.ndb_seq_num 
_pdbx_poly_seq_scheme.pdb_seq_num 
_pdbx_poly_seq_scheme.auth_seq_num 
_pdbx_poly_seq_scheme.pdb_mon_id 
_pdbx_poly_seq_scheme.auth_mon_id 
_pdbx_poly_seq_scheme.pdb_strand_id 
_pdbx_poly_seq_scheme.pdb_ins_code 
_pdbx_poly_seq_scheme.hetero 
A 1 1   ALA 1   1   1   ALA ALA P . n 
A 1 2   ILE 2   2   2   ILE ILE P . n 
A 1 3   PRO 3   3   3   PRO PRO P . n 
A 1 4   GLN 4   4   4   GLN GLN P . n 
A 1 5   LYS 5   5   5   LYS LYS P . n 
A 1 6   ILE 6   6   6   ILE ILE P . n 
A 1 7   ARG 7   7   7   ARG ARG P . n 
A 1 8   ILE 8   8   8   ILE ILE P . n 
A 1 9   GLY 9   9   9   GLY GLY P . n 
A 1 10  THR 10  10  10  THR THR P . n 
A 1 11  ASP 11  11  11  ASP ASP P . n 
A 1 12  PRO 12  12  12  PRO PRO P . n 
A 1 13  THR 13  13  13  THR THR P . n 
A 1 14  TYR 14  14  14  TYR TYR P . n 
A 1 15  ALA 15  15  15  ALA ALA P . n 
A 1 16  PRO 16  16  16  PRO PRO P . n 
A 1 17  PHE 17  17  17  PHE PHE P . n 
A 1 18  GLU 18  18  18  GLU GLU P . n 
A 1 19  SER 19  19  19  SER SER P . n 
A 1 20  LYS 20  20  20  LYS LYS P . n 
A 1 21  ASN 21  21  21  ASN ASN P . n 
A 1 22  ALA 22  22  22  ALA ALA P . n 
A 1 23  GLN 23  23  23  GLN GLN P . n 
A 1 24  GLY 24  24  24  GLY GLY P . n 
A 1 25  GLU 25  25  25  GLU GLU P . n 
A 1 26  LEU 26  26  26  LEU LEU P . n 
A 1 27  VAL 27  27  27  VAL VAL P . n 
A 1 28  GLY 28  28  28  GLY GLY P . n 
A 1 29  PHE 29  29  29  PHE PHE P . n 
A 1 30  ASP 30  30  30  ASP ASP P . n 
A 1 31  ILE 31  31  31  ILE ILE P . n 
A 1 32  ASP 32  32  32  ASP ASP P . n 
A 1 33  LEU 33  33  33  LEU LEU P . n 
A 1 34  ALA 34  34  34  ALA ALA P . n 
A 1 35  LYS 35  35  35  LYS LYS P . n 
A 1 36  GLU 36  36  36  GLU GLU P . n 
A 1 37  LEU 37  37  37  LEU LEU P . n 
A 1 38  CYS 38  38  38  CYS CYS P . n 
A 1 39  LYS 39  39  39  LYS LYS P . n 
A 1 40  ARG 40  40  40  ARG ARG P . n 
A 1 41  ILE 41  41  41  ILE ILE P . n 
A 1 42  ASN 42  42  42  ASN ASN P . n 
A 1 43  THR 43  43  43  THR THR P . n 
A 1 44  GLN 44  44  44  GLN GLN P . n 
A 1 45  CYS 45  45  45  CYS CYS P . n 
A 1 46  THR 46  46  46  THR THR P . n 
A 1 47  PHE 47  47  47  PHE PHE P . n 
A 1 48  VAL 48  48  48  VAL VAL P . n 
A 1 49  GLU 49  49  49  GLU GLU P . n 
A 1 50  ASN 50  50  50  ASN ASN P . n 
A 1 51  PRO 51  51  51  PRO PRO P . n 
A 1 52  LEU 52  52  52  LEU LEU P . n 
A 1 53  ASP 53  53  53  ASP ASP P . n 
A 1 54  ALA 54  54  54  ALA ALA P . n 
A 1 55  LEU 55  55  55  LEU LEU P . n 
A 1 56  ILE 56  56  56  ILE ILE P . n 
A 1 57  PRO 57  57  57  PRO PRO P . n 
A 1 58  SER 58  58  58  SER SER P . n 
A 1 59  LEU 59  59  59  LEU LEU P . n 
A 1 60  LYS 60  60  60  LYS LYS P . n 
A 1 61  ALA 61  61  61  ALA ALA P . n 
A 1 62  LYS 62  62  62  LYS LYS P . n 
A 1 63  LYS 63  63  63  LYS LYS P . n 
A 1 64  ILE 64  64  64  ILE ILE P . n 
A 1 65  ASP 65  65  65  ASP ASP P . n 
A 1 66  ALA 66  66  66  ALA ALA P . n 
A 1 67  ILE 67  67  67  ILE ILE P . n 
A 1 68  MET 68  68  68  MET MET P . n 
A 1 69  SER 69  69  69  SER SER P . n 
A 1 70  SER 70  70  70  SER SER P . n 
A 1 71  LEU 71  71  71  LEU LEU P . n 
A 1 72  SER 72  72  72  SER SER P . n 
A 1 73  ILE 73  73  73  ILE ILE P . n 
A 1 74  THR 74  74  74  THR THR P . n 
A 1 75  GLU 75  75  75  GLU GLU P . n 
A 1 76  LYS 76  76  76  LYS LYS P . n 
A 1 77  ARG 77  77  77  ARG ARG P . n 
A 1 78  GLN 78  78  78  GLN GLN P . n 
A 1 79  GLN 79  79  79  GLN GLN P . n 
A 1 80  GLU 80  80  80  GLU GLU P . n 
A 1 81  ILE 81  81  81  ILE ILE P . n 
A 1 82  ALA 82  82  82  ALA ALA P . n 
A 1 83  PHE 83  83  83  PHE PHE P . n 
A 1 84  THR 84  84  84  THR THR P . n 
A 1 85  ASP 85  85  85  ASP ASP P . n 
A 1 86  LYS 86  86  86  LYS LYS P . n 
A 1 87  LEU 87  87  87  LEU LEU P . n 
A 1 88  TYR 88  88  88  TYR TYR P . n 
A 1 89  ALA 89  89  89  ALA ALA P . n 
A 1 90  ALA 90  90  90  ALA ALA P . n 
A 1 91  ASP 91  91  91  ASP ASP P . n 
A 1 92  SER 92  92  92  SER SER P . n 
A 1 93  ARG 93  93  93  ARG ARG P . n 
A 1 94  LEU 94  94  94  LEU LEU P . n 
A 1 95  VAL 95  95  95  VAL VAL P . n 
A 1 96  VAL 96  96  96  VAL VAL P . n 
A 1 97  ALA 97  97  97  ALA ALA P . n 
A 1 98  LYS 98  98  98  LYS LYS P . n 
A 1 99  ASN 99  99  99  ASN ASN P . n 
A 1 100 SER 100 100 100 SER SER P . n 
A 1 101 ASP 101 101 101 ASP ASP P . n 
A 1 102 ILE 102 102 102 ILE ILE P . n 
A 1 103 GLN 103 103 103 GLN GLN P . n 
A 1 104 PRO 104 104 104 PRO PRO P . n 
A 1 105 THR 105 105 105 THR THR P . n 
A 1 106 VAL 106 106 106 VAL VAL P . n 
A 1 107 ALA 107 107 107 ALA ALA P . n 
A 1 108 SER 108 108 108 SER SER P . n 
A 1 109 LEU 109 109 109 LEU LEU P . n 
A 1 110 LYS 110 110 110 LYS LYS P . n 
A 1 111 GLY 111 111 111 GLY GLY P . n 
A 1 112 LYS 112 112 112 LYS LYS P . n 
A 1 113 ARG 113 113 113 ARG ARG P . n 
A 1 114 VAL 114 114 114 VAL VAL P . n 
A 1 115 GLY 115 115 115 GLY GLY P . n 
A 1 116 VAL 116 116 116 VAL VAL P . n 
A 1 117 LEU 117 117 117 LEU LEU P . n 
A 1 118 GLN 118 118 118 GLN GLN P . n 
A 1 119 GLY 119 119 119 GLY GLY P . n 
A 1 120 THR 120 120 120 THR THR P . n 
A 1 121 THR 121 121 121 THR THR P . n 
A 1 122 GLN 122 122 122 GLN GLN P . n 
A 1 123 GLU 123 123 123 GLU GLU P . n 
A 1 124 THR 124 124 124 THR THR P . n 
A 1 125 PHE 125 125 125 PHE PHE P . n 
A 1 126 GLY 126 126 126 GLY GLY P . n 
A 1 127 ASN 127 127 127 ASN ASN P . n 
A 1 128 GLU 128 128 128 GLU GLU P . n 
A 1 129 HIS 129 129 129 HIS HIS P . n 
A 1 130 TRP 130 130 130 TRP TRP P . n 
A 1 131 ALA 131 131 131 ALA ALA P . n 
A 1 132 PRO 132 132 132 PRO PRO P . n 
A 1 133 LYS 133 133 133 LYS LYS P . n 
A 1 134 GLY 134 134 134 GLY GLY P . n 
A 1 135 ILE 135 135 135 ILE ILE P . n 
A 1 136 GLU 136 136 136 GLU GLU P . n 
A 1 137 ILE 137 137 137 ILE ILE P . n 
A 1 138 VAL 138 138 138 VAL VAL P . n 
A 1 139 SER 139 139 139 SER SER P . n 
A 1 140 TYR 140 140 140 TYR TYR P . n 
A 1 141 GLN 141 141 141 GLN GLN P . n 
A 1 142 GLY 142 142 142 GLY GLY P . n 
A 1 143 GLN 143 143 143 GLN GLN P . n 
A 1 144 ASP 144 144 144 ASP ASP P . n 
A 1 145 ASN 145 145 145 ASN ASN P . n 
A 1 146 ILE 146 146 146 ILE ILE P . n 
A 1 147 TYR 147 147 147 TYR TYR P . n 
A 1 148 SER 148 148 148 SER SER P . n 
A 1 149 ASP 149 149 149 ASP ASP P . n 
A 1 150 LEU 150 150 150 LEU LEU P . n 
A 1 151 THR 151 151 151 THR THR P . n 
A 1 152 ALA 152 152 152 ALA ALA P . n 
A 1 153 GLY 153 153 153 GLY GLY P . n 
A 1 154 ARG 154 154 154 ARG ARG P . n 
A 1 155 ILE 155 155 155 ILE ILE P . n 
A 1 156 ASP 156 156 156 ASP ASP P . n 
A 1 157 ALA 157 157 157 ALA ALA P . n 
A 1 158 ALA 158 158 158 ALA ALA P . n 
A 1 159 PHE 159 159 159 PHE PHE P . n 
A 1 160 GLN 160 160 160 GLN GLN P . n 
A 1 161 ASP 161 161 161 ASP ASP P . n 
A 1 162 GLU 162 162 162 GLU GLU P . n 
A 1 163 VAL 163 163 163 VAL VAL P . n 
A 1 164 ALA 164 164 164 ALA ALA P . n 
A 1 165 ALA 165 165 165 ALA ALA P . n 
A 1 166 SER 166 166 166 SER SER P . n 
A 1 167 GLU 167 167 167 GLU GLU P . n 
A 1 168 GLY 168 168 168 GLY GLY P . n 
A 1 169 PHE 169 169 169 PHE PHE P . n 
A 1 170 LEU 170 170 170 LEU LEU P . n 
A 1 171 LYS 171 171 171 LYS LYS P . n 
A 1 172 GLN 172 172 172 GLN GLN P . n 
A 1 173 PRO 173 173 173 PRO PRO P . n 
A 1 174 VAL 174 174 174 VAL VAL P . n 
A 1 175 GLY 175 175 175 GLY GLY P . n 
A 1 176 LYS 176 176 176 LYS LYS P . n 
A 1 177 ASP 177 177 177 ASP ASP P . n 
A 1 178 TYR 178 178 178 TYR TYR P . n 
A 1 179 LYS 179 179 179 LYS LYS P . n 
A 1 180 PHE 180 180 180 PHE PHE P . n 
A 1 181 GLY 181 181 181 GLY GLY P . n 
A 1 182 GLY 182 182 182 GLY GLY P . n 
A 1 183 PRO 183 183 183 PRO PRO P . n 
A 1 184 ALA 184 184 184 ALA ALA P . n 
A 1 185 VAL 185 185 185 VAL VAL P . n 
A 1 186 LYS 186 186 186 LYS LYS P . n 
A 1 187 ASP 187 187 187 ASP ASP P . n 
A 1 188 GLU 188 188 188 GLU GLU P . n 
A 1 189 LYS 189 189 189 LYS LYS P . n 
A 1 190 LEU 190 190 190 LEU LEU P . n 
A 1 191 PHE 191 191 191 PHE PHE P . n 
A 1 192 GLY 192 192 192 GLY GLY P . n 
A 1 193 VAL 193 193 193 VAL VAL P . n 
A 1 194 GLY 194 194 194 GLY GLY P . n 
A 1 195 THR 195 195 195 THR THR P . n 
A 1 196 GLY 196 196 196 GLY GLY P . n 
A 1 197 MET 197 197 197 MET MET P . n 
A 1 198 GLY 198 198 198 GLY GLY P . n 
A 1 199 LEU 199 199 199 LEU LEU P . n 
A 1 200 ARG 200 200 200 ARG ARG P . n 
A 1 201 LYS 201 201 201 LYS LYS P . n 
A 1 202 GLU 202 202 202 GLU GLU P . n 
A 1 203 ASP 203 203 203 ASP ASP P . n 
A 1 204 ASN 204 204 204 ASN ASN P . n 
A 1 205 GLU 205 205 205 GLU GLU P . n 
A 1 206 LEU 206 206 206 LEU LEU P . n 
A 1 207 ARG 207 207 207 ARG ARG P . n 
A 1 208 GLU 208 208 208 GLU GLU P . n 
A 1 209 ALA 209 209 209 ALA ALA P . n 
A 1 210 LEU 210 210 210 LEU LEU P . n 
A 1 211 ASN 211 211 211 ASN ASN P . n 
A 1 212 LYS 212 212 212 LYS LYS P . n 
A 1 213 ALA 213 213 213 ALA ALA P . n 
A 1 214 PHE 214 214 214 PHE PHE P . n 
A 1 215 ALA 215 215 215 ALA ALA P . n 
A 1 216 GLU 216 216 216 GLU GLU P . n 
A 1 217 MET 217 217 217 MET MET P . n 
A 1 218 ARG 218 218 218 ARG ARG P . n 
A 1 219 ALA 219 219 219 ALA ALA P . n 
A 1 220 ASP 220 220 220 ASP ASP P . n 
A 1 221 GLY 221 221 221 GLY GLY P . n 
A 1 222 THR 222 222 222 THR THR P . n 
A 1 223 TYR 223 223 223 TYR TYR P . n 
A 1 224 GLU 224 224 224 GLU GLU P . n 
A 1 225 LYS 225 225 225 LYS LYS P . n 
A 1 226 LEU 226 226 226 LEU LEU P . n 
A 1 227 ALA 227 227 227 ALA ALA P . n 
A 1 228 LYS 228 228 228 LYS LYS P . n 
A 1 229 LYS 229 229 229 LYS LYS P . n 
A 1 230 TYR 230 230 230 TYR TYR P . n 
A 1 231 PHE 231 231 231 PHE PHE P . n 
A 1 232 ASP 232 232 232 ASP ASP P . n 
A 1 233 PHE 233 233 233 PHE PHE P . n 
A 1 234 ASP 234 234 234 ASP ASP P . n 
A 1 235 VAL 235 235 235 VAL VAL P . n 
A 1 236 TYR 236 236 236 TYR TYR P . n 
A 1 237 GLY 237 237 237 GLY GLY P . n 
A 1 238 GLY 238 238 238 GLY GLY P . n 
# 
_pdbx_nonpoly_scheme.asym_id         B 
_pdbx_nonpoly_scheme.entity_id       2 
_pdbx_nonpoly_scheme.mon_id          HIS 
_pdbx_nonpoly_scheme.ndb_seq_num     1 
_pdbx_nonpoly_scheme.pdb_seq_num     240 
_pdbx_nonpoly_scheme.auth_seq_num    240 
_pdbx_nonpoly_scheme.pdb_mon_id      HIS 
_pdbx_nonpoly_scheme.auth_mon_id     HIS 
_pdbx_nonpoly_scheme.pdb_strand_id   P 
_pdbx_nonpoly_scheme.pdb_ins_code    . 
# 
loop_
_software.name 
_software.classification 
_software.version 
_software.citation_id 
_software.pdbx_ordinal 
X-PLOR 'model building' . ? 1 
X-PLOR refinement       . ? 2 
X-PLOR phasing          . ? 3 
# 
_cell.entry_id           1HPB 
_cell.length_a           39.260 
_cell.length_b           66.170 
_cell.length_c           88.130 
_cell.angle_alpha        90.00 
_cell.angle_beta         90.00 
_cell.angle_gamma        90.00 
_cell.Z_PDB              4 
_cell.pdbx_unique_axis   ? 
# 
_symmetry.entry_id                         1HPB 
_symmetry.space_group_name_H-M             'P 21 21 21' 
_symmetry.pdbx_full_space_group_name_H-M   ? 
_symmetry.cell_setting                     ? 
_symmetry.Int_Tables_number                19 
# 
_exptl.entry_id          1HPB 
_exptl.method            'X-RAY DIFFRACTION' 
_exptl.crystals_number   ? 
# 
_exptl_crystal.id                    1 
_exptl_crystal.density_meas          ? 
_exptl_crystal.density_Matthews      2.18 
_exptl_crystal.density_percent_sol   43.70 
_exptl_crystal.description           ? 
# 
_diffrn.id                     1 
_diffrn.ambient_temp           ? 
_diffrn.ambient_temp_details   ? 
_diffrn.crystal_id             1 
# 
_diffrn_radiation.diffrn_id                        1 
_diffrn_radiation.wavelength_id                    1 
_diffrn_radiation.pdbx_monochromatic_or_laue_m_l   ? 
_diffrn_radiation.monochromator                    ? 
_diffrn_radiation.pdbx_diffrn_protocol             ? 
_diffrn_radiation.pdbx_scattering_type             x-ray 
# 
_diffrn_radiation_wavelength.id           1 
_diffrn_radiation_wavelength.wavelength   . 
_diffrn_radiation_wavelength.wt           1.0 
# 
_refine.entry_id                                 1HPB 
_refine.ls_number_reflns_obs                     ? 
_refine.ls_number_reflns_all                     ? 
_refine.pdbx_ls_sigma_I                          ? 
_refine.pdbx_ls_sigma_F                          ? 
_refine.pdbx_data_cutoff_high_absF               ? 
_refine.pdbx_data_cutoff_low_absF                ? 
_refine.pdbx_data_cutoff_high_rms_absF           ? 
_refine.ls_d_res_low                             ? 
_refine.ls_d_res_high                            2.5 
_refine.ls_percent_reflns_obs                    ? 
_refine.ls_R_factor_obs                          0.192 
_refine.ls_R_factor_all                          ? 
_refine.ls_R_factor_R_work                       0.192 
_refine.ls_R_factor_R_free                       ? 
_refine.ls_R_factor_R_free_error                 ? 
_refine.ls_R_factor_R_free_error_details         ? 
_refine.ls_percent_reflns_R_free                 ? 
_refine.ls_number_reflns_R_free                  ? 
_refine.ls_number_parameters                     ? 
_refine.ls_number_restraints                     ? 
_refine.occupancy_min                            ? 
_refine.occupancy_max                            ? 
_refine.B_iso_mean                               ? 
_refine.aniso_B[1][1]                            ? 
_refine.aniso_B[2][2]                            ? 
_refine.aniso_B[3][3]                            ? 
_refine.aniso_B[1][2]                            ? 
_refine.aniso_B[1][3]                            ? 
_refine.aniso_B[2][3]                            ? 
_refine.solvent_model_details                    ? 
_refine.solvent_model_param_ksol                 ? 
_refine.solvent_model_param_bsol                 ? 
_refine.pdbx_ls_cross_valid_method               ? 
_refine.details                                  ? 
_refine.pdbx_starting_model                      ? 
_refine.pdbx_method_to_determine_struct          ? 
_refine.pdbx_isotropic_thermal_model             ? 
_refine.pdbx_stereochemistry_target_values       ? 
_refine.pdbx_stereochem_target_val_spec_case     ? 
_refine.pdbx_R_Free_selection_details            ? 
_refine.pdbx_overall_ESU_R                       ? 
_refine.pdbx_overall_ESU_R_Free                  ? 
_refine.overall_SU_ML                            ? 
_refine.overall_SU_B                             ? 
_refine.pdbx_refine_id                           'X-RAY DIFFRACTION' 
_refine.pdbx_diffrn_id                           1 
_refine.pdbx_TLS_residual_ADP_flag               ? 
_refine.correlation_coeff_Fo_to_Fc               ? 
_refine.correlation_coeff_Fo_to_Fc_free          ? 
_refine.pdbx_solvent_vdw_probe_radii             ? 
_refine.pdbx_solvent_ion_probe_radii             ? 
_refine.pdbx_solvent_shrinkage_radii             ? 
_refine.pdbx_overall_phase_error                 ? 
_refine.overall_SU_R_Cruickshank_DPI             ? 
_refine.pdbx_overall_SU_R_free_Cruickshank_DPI   ? 
_refine.pdbx_overall_SU_R_Blow_DPI               ? 
_refine.pdbx_overall_SU_R_free_Blow_DPI          ? 
# 
_refine_hist.pdbx_refine_id                   'X-RAY DIFFRACTION' 
_refine_hist.cycle_id                         LAST 
_refine_hist.pdbx_number_atoms_protein        238 
_refine_hist.pdbx_number_atoms_nucleic_acid   0 
_refine_hist.pdbx_number_atoms_ligand         11 
_refine_hist.number_atoms_solvent             0 
_refine_hist.number_atoms_total               249 
_refine_hist.d_res_high                       2.5 
_refine_hist.d_res_low                        . 
# 
loop_
_refine_ls_restr.type 
_refine_ls_restr.dev_ideal 
_refine_ls_restr.dev_ideal_target 
_refine_ls_restr.weight 
_refine_ls_restr.number 
_refine_ls_restr.pdbx_refine_id 
_refine_ls_restr.pdbx_restraint_function 
x_bond_d                0.020 ? ? ? 'X-RAY DIFFRACTION' ? 
x_bond_d_na             ?     ? ? ? 'X-RAY DIFFRACTION' ? 
x_bond_d_prot           ?     ? ? ? 'X-RAY DIFFRACTION' ? 
x_angle_d               ?     ? ? ? 'X-RAY DIFFRACTION' ? 
x_angle_d_na            ?     ? ? ? 'X-RAY DIFFRACTION' ? 
x_angle_d_prot          ?     ? ? ? 'X-RAY DIFFRACTION' ? 
x_angle_deg             3.64  ? ? ? 'X-RAY DIFFRACTION' ? 
x_angle_deg_na          ?     ? ? ? 'X-RAY DIFFRACTION' ? 
x_angle_deg_prot        ?     ? ? ? 'X-RAY DIFFRACTION' ? 
x_dihedral_angle_d      ?     ? ? ? 'X-RAY DIFFRACTION' ? 
x_dihedral_angle_d_na   ?     ? ? ? 'X-RAY DIFFRACTION' ? 
x_dihedral_angle_d_prot ?     ? ? ? 'X-RAY DIFFRACTION' ? 
x_improper_angle_d      ?     ? ? ? 'X-RAY DIFFRACTION' ? 
x_improper_angle_d_na   ?     ? ? ? 'X-RAY DIFFRACTION' ? 
x_improper_angle_d_prot ?     ? ? ? 'X-RAY DIFFRACTION' ? 
x_mcbond_it             ?     ? ? ? 'X-RAY DIFFRACTION' ? 
x_mcangle_it            ?     ? ? ? 'X-RAY DIFFRACTION' ? 
x_scbond_it             ?     ? ? ? 'X-RAY DIFFRACTION' ? 
x_scangle_it            ?     ? ? ? 'X-RAY DIFFRACTION' ? 
# 
_struct.entry_id                  1HPB 
_struct.title                     
;THE BACTERIAL PERIPLASMIC HISTIDINE-BINDING PROTEIN: STRUCTURE(SLASH)FUNCTION ANALYSIS OF THE LIGAND-BINDING SITE AND COMPARISON WITH RELATED PROTEINS
;
_struct.pdbx_model_details        ? 
_struct.pdbx_CASP_flag            ? 
_struct.pdbx_model_type_details   ? 
# 
_struct_keywords.entry_id        1HPB 
_struct_keywords.pdbx_keywords   'HISTIDINE-BINDING PROTEIN' 
_struct_keywords.text            'HISTIDINE-BINDING PROTEIN' 
# 
loop_
_struct_asym.id 
_struct_asym.pdbx_blank_PDB_chainid_flag 
_struct_asym.pdbx_modified 
_struct_asym.entity_id 
_struct_asym.details 
A N N 1 ? 
B N N 2 ? 
# 
_struct_ref.id                         1 
_struct_ref.db_name                    UNP 
_struct_ref.db_code                    HISJ_SALTY 
_struct_ref.entity_id                  1 
_struct_ref.pdbx_db_accession          P02910 
_struct_ref.pdbx_align_begin           1 
_struct_ref.pdbx_seq_one_letter_code   
;MKKLALSLSLVLAFSSATAAFAAIPQKIRIGTDPTYAPFESKNAQGELVGFDIDLAKELCKRINTQCTFVENPLDALIPS
LKAKKIDAIMSSLSITEKRQQEIAFTDKLYAADSRLVVAKNSDIQPTVASLKGKRVGVLQGTTQETFGNEHWAPKGIEIV
SYQGQDNIYSDLTAGRIDAAFQDEVAASEGFLKQPVGKDYKFGGPAVKDEKLFGVGTGMGLRKEDNELREALNKAFAEMR
ADGTYEKLAKKYFDFDVYGG
;
_struct_ref.pdbx_db_isoform            ? 
# 
_struct_ref_seq.align_id                      1 
_struct_ref_seq.ref_id                        1 
_struct_ref_seq.pdbx_PDB_id_code              1HPB 
_struct_ref_seq.pdbx_strand_id                P 
_struct_ref_seq.seq_align_beg                 1 
_struct_ref_seq.pdbx_seq_align_beg_ins_code   ? 
_struct_ref_seq.seq_align_end                 238 
_struct_ref_seq.pdbx_seq_align_end_ins_code   ? 
_struct_ref_seq.pdbx_db_accession             P02910 
_struct_ref_seq.db_align_beg                  23 
_struct_ref_seq.pdbx_db_align_beg_ins_code    ? 
_struct_ref_seq.db_align_end                  260 
_struct_ref_seq.pdbx_db_align_end_ins_code    ? 
_struct_ref_seq.pdbx_auth_seq_align_beg       1 
_struct_ref_seq.pdbx_auth_seq_align_end       238 
# 
_pdbx_struct_assembly.id                   1 
_pdbx_struct_assembly.details              author_defined_assembly 
_pdbx_struct_assembly.method_details       ? 
_pdbx_struct_assembly.oligomeric_details   monomeric 
_pdbx_struct_assembly.oligomeric_count     1 
# 
_pdbx_struct_assembly_gen.assembly_id       1 
_pdbx_struct_assembly_gen.oper_expression   1 
_pdbx_struct_assembly_gen.asym_id_list      A,B 
# 
_pdbx_struct_oper_list.id                   1 
_pdbx_struct_oper_list.type                 'identity operation' 
_pdbx_struct_oper_list.name                 1_555 
_pdbx_struct_oper_list.symmetry_operation   x,y,z 
_pdbx_struct_oper_list.matrix[1][1]         1.0000000000 
_pdbx_struct_oper_list.matrix[1][2]         0.0000000000 
_pdbx_struct_oper_list.matrix[1][3]         0.0000000000 
_pdbx_struct_oper_list.vector[1]            0.0000000000 
_pdbx_struct_oper_list.matrix[2][1]         0.0000000000 
_pdbx_struct_oper_list.matrix[2][2]         1.0000000000 
_pdbx_struct_oper_list.matrix[2][3]         0.0000000000 
_pdbx_struct_oper_list.vector[2]            0.0000000000 
_pdbx_struct_oper_list.matrix[3][1]         0.0000000000 
_pdbx_struct_oper_list.matrix[3][2]         0.0000000000 
_pdbx_struct_oper_list.matrix[3][3]         1.0000000000 
_pdbx_struct_oper_list.vector[3]            0.0000000000 
# 
_struct_biol.id   1 
# 
loop_
_struct_conf.conf_type_id 
_struct_conf.id 
_struct_conf.pdbx_PDB_helix_id 
_struct_conf.beg_label_comp_id 
_struct_conf.beg_label_asym_id 
_struct_conf.beg_label_seq_id 
_struct_conf.pdbx_beg_PDB_ins_code 
_struct_conf.end_label_comp_id 
_struct_conf.end_label_asym_id 
_struct_conf.end_label_seq_id 
_struct_conf.pdbx_end_PDB_ins_code 
_struct_conf.beg_auth_comp_id 
_struct_conf.beg_auth_asym_id 
_struct_conf.beg_auth_seq_id 
_struct_conf.end_auth_comp_id 
_struct_conf.end_auth_asym_id 
_struct_conf.end_auth_seq_id 
_struct_conf.pdbx_PDB_helix_class 
_struct_conf.details 
_struct_conf.pdbx_PDB_helix_length 
HELX_P HELX_P1 A PHE A 29  ? ARG A 40  ? PHE P 29  ARG P 40  1 ? 12 
HELX_P HELX_P2 B LEU A 52  ? LYS A 60  ? LEU P 52  LYS P 60  1 ? 9  
HELX_P HELX_P3 C GLU A 75  ? GLU A 80  ? GLU P 75  GLU P 80  1 ? 6  
HELX_P HELX_P4 D VAL A 106 ? LEU A 109 ? VAL P 106 LEU P 109 1 ? 4  
HELX_P HELX_P5 E THR A 121 ? HIS A 129 ? THR P 121 HIS P 129 1 ? 9  
HELX_P HELX_P6 F GLN A 143 ? THR A 151 ? GLN P 143 THR P 151 1 ? 9  
HELX_P HELX_P7 G GLU A 162 ? GLY A 168 ? GLU P 162 GLY P 168 1 ? 7  
HELX_P HELX_P8 H ASN A 204 ? ALA A 219 ? ASN P 204 ALA P 219 1 ? 16 
HELX_P HELX_P9 I THR A 222 ? TYR A 230 ? THR P 222 TYR P 230 1 ? 9  
# 
_struct_conf_type.id          HELX_P 
_struct_conf_type.criteria    ? 
_struct_conf_type.reference   ? 
# 
loop_
_struct_sheet.id 
_struct_sheet.type 
_struct_sheet.number_strands 
_struct_sheet.details 
S1 ? 5 ? 
S2 ? 5 ? 
# 
loop_
_struct_sheet_order.sheet_id 
_struct_sheet_order.range_id_1 
_struct_sheet_order.range_id_2 
_struct_sheet_order.offset 
_struct_sheet_order.sense 
S1 1 2 ? parallel      
S1 2 3 ? parallel      
S1 3 4 ? anti-parallel 
S1 4 5 ? anti-parallel 
S2 1 2 ? parallel      
S2 2 3 ? parallel      
S2 3 4 ? anti-parallel 
S2 4 5 ? parallel      
# 
loop_
_struct_sheet_range.sheet_id 
_struct_sheet_range.id 
_struct_sheet_range.beg_label_comp_id 
_struct_sheet_range.beg_label_asym_id 
_struct_sheet_range.beg_label_seq_id 
_struct_sheet_range.pdbx_beg_PDB_ins_code 
_struct_sheet_range.end_label_comp_id 
_struct_sheet_range.end_label_asym_id 
_struct_sheet_range.end_label_seq_id 
_struct_sheet_range.pdbx_end_PDB_ins_code 
_struct_sheet_range.beg_auth_comp_id 
_struct_sheet_range.beg_auth_asym_id 
_struct_sheet_range.beg_auth_seq_id 
_struct_sheet_range.end_auth_comp_id 
_struct_sheet_range.end_auth_asym_id 
_struct_sheet_range.end_auth_seq_id 
S1 1 GLN A 44  ? GLU A 49  ? GLN P 44  GLU P 49  
S1 2 LYS A 5   ? THR A 10  ? LYS P 5   THR P 10  
S1 3 ALA A 66  ? SER A 72  ? ALA P 66  SER P 72  
S1 4 MET A 197 ? LEU A 199 ? MET P 197 LEU P 199 
S1 5 ALA A 82  ? PHE A 83  ? ALA P 82  PHE P 83  
S2 1 GLU A 136 ? TYR A 140 ? GLU P 136 TYR P 140 
S2 2 ARG A 113 ? LEU A 117 ? ARG P 113 LEU P 117 
S2 3 ALA A 157 ? ASP A 161 ? ALA P 157 ASP P 161 
S2 4 SER A 92  ? ALA A 97  ? SER P 92  ALA P 97  
S2 5 TYR A 178 ? PHE A 180 ? TYR P 178 PHE P 180 
# 
_struct_site.id                   AC1 
_struct_site.pdbx_evidence_code   Software 
_struct_site.pdbx_auth_asym_id    P 
_struct_site.pdbx_auth_comp_id    HIS 
_struct_site.pdbx_auth_seq_id     240 
_struct_site.pdbx_auth_ins_code   ? 
_struct_site.pdbx_num_residues    2 
_struct_site.details              'BINDING SITE FOR RESIDUE HIS P 240' 
# 
loop_
_struct_site_gen.id 
_struct_site_gen.site_id 
_struct_site_gen.pdbx_num_res 
_struct_site_gen.label_comp_id 
_struct_site_gen.label_asym_id 
_struct_site_gen.label_seq_id 
_struct_site_gen.pdbx_auth_ins_code 
_struct_site_gen.auth_comp_id 
_struct_site_gen.auth_asym_id 
_struct_site_gen.auth_seq_id 
_struct_site_gen.label_atom_id 
_struct_site_gen.label_alt_id 
_struct_site_gen.symmetry 
_struct_site_gen.details 
1 AC1 2 LEU A 71  ? LEU P 71  . ? 1_555 ? 
2 AC1 2 THR A 120 ? THR P 120 . ? 1_555 ? 
# 
loop_
_chem_comp_atom.comp_id 
_chem_comp_atom.atom_id 
_chem_comp_atom.type_symbol 
_chem_comp_atom.pdbx_aromatic_flag 
_chem_comp_atom.pdbx_stereo_config 
_chem_comp_atom.pdbx_ordinal 
ALA N    N N N 1   
ALA CA   C N S 2   
ALA C    C N N 3   
ALA O    O N N 4   
ALA CB   C N N 5   
ALA OXT  O N N 6   
ALA H    H N N 7   
ALA H2   H N N 8   
ALA HA   H N N 9   
ALA HB1  H N N 10  
ALA HB2  H N N 11  
ALA HB3  H N N 12  
ALA HXT  H N N 13  
ARG N    N N N 14  
ARG CA   C N S 15  
ARG C    C N N 16  
ARG O    O N N 17  
ARG CB   C N N 18  
ARG CG   C N N 19  
ARG CD   C N N 20  
ARG NE   N N N 21  
ARG CZ   C N N 22  
ARG NH1  N N N 23  
ARG NH2  N N N 24  
ARG OXT  O N N 25  
ARG H    H N N 26  
ARG H2   H N N 27  
ARG HA   H N N 28  
ARG HB2  H N N 29  
ARG HB3  H N N 30  
ARG HG2  H N N 31  
ARG HG3  H N N 32  
ARG HD2  H N N 33  
ARG HD3  H N N 34  
ARG HE   H N N 35  
ARG HH11 H N N 36  
ARG HH12 H N N 37  
ARG HH21 H N N 38  
ARG HH22 H N N 39  
ARG HXT  H N N 40  
ASN N    N N N 41  
ASN CA   C N S 42  
ASN C    C N N 43  
ASN O    O N N 44  
ASN CB   C N N 45  
ASN CG   C N N 46  
ASN OD1  O N N 47  
ASN ND2  N N N 48  
ASN OXT  O N N 49  
ASN H    H N N 50  
ASN H2   H N N 51  
ASN HA   H N N 52  
ASN HB2  H N N 53  
ASN HB3  H N N 54  
ASN HD21 H N N 55  
ASN HD22 H N N 56  
ASN HXT  H N N 57  
ASP N    N N N 58  
ASP CA   C N S 59  
ASP C    C N N 60  
ASP O    O N N 61  
ASP CB   C N N 62  
ASP CG   C N N 63  
ASP OD1  O N N 64  
ASP OD2  O N N 65  
ASP OXT  O N N 66  
ASP H    H N N 67  
ASP H2   H N N 68  
ASP HA   H N N 69  
ASP HB2  H N N 70  
ASP HB3  H N N 71  
ASP HD2  H N N 72  
ASP HXT  H N N 73  
CYS N    N N N 74  
CYS CA   C N R 75  
CYS C    C N N 76  
CYS O    O N N 77  
CYS CB   C N N 78  
CYS SG   S N N 79  
CYS OXT  O N N 80  
CYS H    H N N 81  
CYS H2   H N N 82  
CYS HA   H N N 83  
CYS HB2  H N N 84  
CYS HB3  H N N 85  
CYS HG   H N N 86  
CYS HXT  H N N 87  
GLN N    N N N 88  
GLN CA   C N S 89  
GLN C    C N N 90  
GLN O    O N N 91  
GLN CB   C N N 92  
GLN CG   C N N 93  
GLN CD   C N N 94  
GLN OE1  O N N 95  
GLN NE2  N N N 96  
GLN OXT  O N N 97  
GLN H    H N N 98  
GLN H2   H N N 99  
GLN HA   H N N 100 
GLN HB2  H N N 101 
GLN HB3  H N N 102 
GLN HG2  H N N 103 
GLN HG3  H N N 104 
GLN HE21 H N N 105 
GLN HE22 H N N 106 
GLN HXT  H N N 107 
GLU N    N N N 108 
GLU CA   C N S 109 
GLU C    C N N 110 
GLU O    O N N 111 
GLU CB   C N N 112 
GLU CG   C N N 113 
GLU CD   C N N 114 
GLU OE1  O N N 115 
GLU OE2  O N N 116 
GLU OXT  O N N 117 
GLU H    H N N 118 
GLU H2   H N N 119 
GLU HA   H N N 120 
GLU HB2  H N N 121 
GLU HB3  H N N 122 
GLU HG2  H N N 123 
GLU HG3  H N N 124 
GLU HE2  H N N 125 
GLU HXT  H N N 126 
GLY N    N N N 127 
GLY CA   C N N 128 
GLY C    C N N 129 
GLY O    O N N 130 
GLY OXT  O N N 131 
GLY H    H N N 132 
GLY H2   H N N 133 
GLY HA2  H N N 134 
GLY HA3  H N N 135 
GLY HXT  H N N 136 
HIS N    N N N 137 
HIS CA   C N S 138 
HIS C    C N N 139 
HIS O    O N N 140 
HIS CB   C N N 141 
HIS CG   C Y N 142 
HIS ND1  N Y N 143 
HIS CD2  C Y N 144 
HIS CE1  C Y N 145 
HIS NE2  N Y N 146 
HIS OXT  O N N 147 
HIS H    H N N 148 
HIS H2   H N N 149 
HIS HA   H N N 150 
HIS HB2  H N N 151 
HIS HB3  H N N 152 
HIS HD1  H N N 153 
HIS HD2  H N N 154 
HIS HE1  H N N 155 
HIS HE2  H N N 156 
HIS HXT  H N N 157 
ILE N    N N N 158 
ILE CA   C N S 159 
ILE C    C N N 160 
ILE O    O N N 161 
ILE CB   C N S 162 
ILE CG1  C N N 163 
ILE CG2  C N N 164 
ILE CD1  C N N 165 
ILE OXT  O N N 166 
ILE H    H N N 167 
ILE H2   H N N 168 
ILE HA   H N N 169 
ILE HB   H N N 170 
ILE HG12 H N N 171 
ILE HG13 H N N 172 
ILE HG21 H N N 173 
ILE HG22 H N N 174 
ILE HG23 H N N 175 
ILE HD11 H N N 176 
ILE HD12 H N N 177 
ILE HD13 H N N 178 
ILE HXT  H N N 179 
LEU N    N N N 180 
LEU CA   C N S 181 
LEU C    C N N 182 
LEU O    O N N 183 
LEU CB   C N N 184 
LEU CG   C N N 185 
LEU CD1  C N N 186 
LEU CD2  C N N 187 
LEU OXT  O N N 188 
LEU H    H N N 189 
LEU H2   H N N 190 
LEU HA   H N N 191 
LEU HB2  H N N 192 
LEU HB3  H N N 193 
LEU HG   H N N 194 
LEU HD11 H N N 195 
LEU HD12 H N N 196 
LEU HD13 H N N 197 
LEU HD21 H N N 198 
LEU HD22 H N N 199 
LEU HD23 H N N 200 
LEU HXT  H N N 201 
LYS N    N N N 202 
LYS CA   C N S 203 
LYS C    C N N 204 
LYS O    O N N 205 
LYS CB   C N N 206 
LYS CG   C N N 207 
LYS CD   C N N 208 
LYS CE   C N N 209 
LYS NZ   N N N 210 
LYS OXT  O N N 211 
LYS H    H N N 212 
LYS H2   H N N 213 
LYS HA   H N N 214 
LYS HB2  H N N 215 
LYS HB3  H N N 216 
LYS HG2  H N N 217 
LYS HG3  H N N 218 
LYS HD2  H N N 219 
LYS HD3  H N N 220 
LYS HE2  H N N 221 
LYS HE3  H N N 222 
LYS HZ1  H N N 223 
LYS HZ2  H N N 224 
LYS HZ3  H N N 225 
LYS HXT  H N N 226 
MET N    N N N 227 
MET CA   C N S 228 
MET C    C N N 229 
MET O    O N N 230 
MET CB   C N N 231 
MET CG   C N N 232 
MET SD   S N N 233 
MET CE   C N N 234 
MET OXT  O N N 235 
MET H    H N N 236 
MET H2   H N N 237 
MET HA   H N N 238 
MET HB2  H N N 239 
MET HB3  H N N 240 
MET HG2  H N N 241 
MET HG3  H N N 242 
MET HE1  H N N 243 
MET HE2  H N N 244 
MET HE3  H N N 245 
MET HXT  H N N 246 
PHE N    N N N 247 
PHE CA   C N S 248 
PHE C    C N N 249 
PHE O    O N N 250 
PHE CB   C N N 251 
PHE CG   C Y N 252 
PHE CD1  C Y N 253 
PHE CD2  C Y N 254 
PHE CE1  C Y N 255 
PHE CE2  C Y N 256 
PHE CZ   C Y N 257 
PHE OXT  O N N 258 
PHE H    H N N 259 
PHE H2   H N N 260 
PHE HA   H N N 261 
PHE HB2  H N N 262 
PHE HB3  H N N 263 
PHE HD1  H N N 264 
PHE HD2  H N N 265 
PHE HE1  H N N 266 
PHE HE2  H N N 267 
PHE HZ   H N N 268 
PHE HXT  H N N 269 
PRO N    N N N 270 
PRO CA   C N S 271 
PRO C    C N N 272 
PRO O    O N N 273 
PRO CB   C N N 274 
PRO CG   C N N 275 
PRO CD   C N N 276 
PRO OXT  O N N 277 
PRO H    H N N 278 
PRO HA   H N N 279 
PRO HB2  H N N 280 
PRO HB3  H N N 281 
PRO HG2  H N N 282 
PRO HG3  H N N 283 
PRO HD2  H N N 284 
PRO HD3  H N N 285 
PRO HXT  H N N 286 
SER N    N N N 287 
SER CA   C N S 288 
SER C    C N N 289 
SER O    O N N 290 
SER CB   C N N 291 
SER OG   O N N 292 
SER OXT  O N N 293 
SER H    H N N 294 
SER H2   H N N 295 
SER HA   H N N 296 
SER HB2  H N N 297 
SER HB3  H N N 298 
SER HG   H N N 299 
SER HXT  H N N 300 
THR N    N N N 301 
THR CA   C N S 302 
THR C    C N N 303 
THR O    O N N 304 
THR CB   C N R 305 
THR OG1  O N N 306 
THR CG2  C N N 307 
THR OXT  O N N 308 
THR H    H N N 309 
THR H2   H N N 310 
THR HA   H N N 311 
THR HB   H N N 312 
THR HG1  H N N 313 
THR HG21 H N N 314 
THR HG22 H N N 315 
THR HG23 H N N 316 
THR HXT  H N N 317 
TRP N    N N N 318 
TRP CA   C N S 319 
TRP C    C N N 320 
TRP O    O N N 321 
TRP CB   C N N 322 
TRP CG   C Y N 323 
TRP CD1  C Y N 324 
TRP CD2  C Y N 325 
TRP NE1  N Y N 326 
TRP CE2  C Y N 327 
TRP CE3  C Y N 328 
TRP CZ2  C Y N 329 
TRP CZ3  C Y N 330 
TRP CH2  C Y N 331 
TRP OXT  O N N 332 
TRP H    H N N 333 
TRP H2   H N N 334 
TRP HA   H N N 335 
TRP HB2  H N N 336 
TRP HB3  H N N 337 
TRP HD1  H N N 338 
TRP HE1  H N N 339 
TRP HE3  H N N 340 
TRP HZ2  H N N 341 
TRP HZ3  H N N 342 
TRP HH2  H N N 343 
TRP HXT  H N N 344 
TYR N    N N N 345 
TYR CA   C N S 346 
TYR C    C N N 347 
TYR O    O N N 348 
TYR CB   C N N 349 
TYR CG   C Y N 350 
TYR CD1  C Y N 351 
TYR CD2  C Y N 352 
TYR CE1  C Y N 353 
TYR CE2  C Y N 354 
TYR CZ   C Y N 355 
TYR OH   O N N 356 
TYR OXT  O N N 357 
TYR H    H N N 358 
TYR H2   H N N 359 
TYR HA   H N N 360 
TYR HB2  H N N 361 
TYR HB3  H N N 362 
TYR HD1  H N N 363 
TYR HD2  H N N 364 
TYR HE1  H N N 365 
TYR HE2  H N N 366 
TYR HH   H N N 367 
TYR HXT  H N N 368 
VAL N    N N N 369 
VAL CA   C N S 370 
VAL C    C N N 371 
VAL O    O N N 372 
VAL CB   C N N 373 
VAL CG1  C N N 374 
VAL CG2  C N N 375 
VAL OXT  O N N 376 
VAL H    H N N 377 
VAL H2   H N N 378 
VAL HA   H N N 379 
VAL HB   H N N 380 
VAL HG11 H N N 381 
VAL HG12 H N N 382 
VAL HG13 H N N 383 
VAL HG21 H N N 384 
VAL HG22 H N N 385 
VAL HG23 H N N 386 
VAL HXT  H N N 387 
# 
loop_
_chem_comp_bond.comp_id 
_chem_comp_bond.atom_id_1 
_chem_comp_bond.atom_id_2 
_chem_comp_bond.value_order 
_chem_comp_bond.pdbx_aromatic_flag 
_chem_comp_bond.pdbx_stereo_config 
_chem_comp_bond.pdbx_ordinal 
ALA N   CA   sing N N 1   
ALA N   H    sing N N 2   
ALA N   H2   sing N N 3   
ALA CA  C    sing N N 4   
ALA CA  CB   sing N N 5   
ALA CA  HA   sing N N 6   
ALA C   O    doub N N 7   
ALA C   OXT  sing N N 8   
ALA CB  HB1  sing N N 9   
ALA CB  HB2  sing N N 10  
ALA CB  HB3  sing N N 11  
ALA OXT HXT  sing N N 12  
ARG N   CA   sing N N 13  
ARG N   H    sing N N 14  
ARG N   H2   sing N N 15  
ARG CA  C    sing N N 16  
ARG CA  CB   sing N N 17  
ARG CA  HA   sing N N 18  
ARG C   O    doub N N 19  
ARG C   OXT  sing N N 20  
ARG CB  CG   sing N N 21  
ARG CB  HB2  sing N N 22  
ARG CB  HB3  sing N N 23  
ARG CG  CD   sing N N 24  
ARG CG  HG2  sing N N 25  
ARG CG  HG3  sing N N 26  
ARG CD  NE   sing N N 27  
ARG CD  HD2  sing N N 28  
ARG CD  HD3  sing N N 29  
ARG NE  CZ   sing N N 30  
ARG NE  HE   sing N N 31  
ARG CZ  NH1  sing N N 32  
ARG CZ  NH2  doub N N 33  
ARG NH1 HH11 sing N N 34  
ARG NH1 HH12 sing N N 35  
ARG NH2 HH21 sing N N 36  
ARG NH2 HH22 sing N N 37  
ARG OXT HXT  sing N N 38  
ASN N   CA   sing N N 39  
ASN N   H    sing N N 40  
ASN N   H2   sing N N 41  
ASN CA  C    sing N N 42  
ASN CA  CB   sing N N 43  
ASN CA  HA   sing N N 44  
ASN C   O    doub N N 45  
ASN C   OXT  sing N N 46  
ASN CB  CG   sing N N 47  
ASN CB  HB2  sing N N 48  
ASN CB  HB3  sing N N 49  
ASN CG  OD1  doub N N 50  
ASN CG  ND2  sing N N 51  
ASN ND2 HD21 sing N N 52  
ASN ND2 HD22 sing N N 53  
ASN OXT HXT  sing N N 54  
ASP N   CA   sing N N 55  
ASP N   H    sing N N 56  
ASP N   H2   sing N N 57  
ASP CA  C    sing N N 58  
ASP CA  CB   sing N N 59  
ASP CA  HA   sing N N 60  
ASP C   O    doub N N 61  
ASP C   OXT  sing N N 62  
ASP CB  CG   sing N N 63  
ASP CB  HB2  sing N N 64  
ASP CB  HB3  sing N N 65  
ASP CG  OD1  doub N N 66  
ASP CG  OD2  sing N N 67  
ASP OD2 HD2  sing N N 68  
ASP OXT HXT  sing N N 69  
CYS N   CA   sing N N 70  
CYS N   H    sing N N 71  
CYS N   H2   sing N N 72  
CYS CA  C    sing N N 73  
CYS CA  CB   sing N N 74  
CYS CA  HA   sing N N 75  
CYS C   O    doub N N 76  
CYS C   OXT  sing N N 77  
CYS CB  SG   sing N N 78  
CYS CB  HB2  sing N N 79  
CYS CB  HB3  sing N N 80  
CYS SG  HG   sing N N 81  
CYS OXT HXT  sing N N 82  
GLN N   CA   sing N N 83  
GLN N   H    sing N N 84  
GLN N   H2   sing N N 85  
GLN CA  C    sing N N 86  
GLN CA  CB   sing N N 87  
GLN CA  HA   sing N N 88  
GLN C   O    doub N N 89  
GLN C   OXT  sing N N 90  
GLN CB  CG   sing N N 91  
GLN CB  HB2  sing N N 92  
GLN CB  HB3  sing N N 93  
GLN CG  CD   sing N N 94  
GLN CG  HG2  sing N N 95  
GLN CG  HG3  sing N N 96  
GLN CD  OE1  doub N N 97  
GLN CD  NE2  sing N N 98  
GLN NE2 HE21 sing N N 99  
GLN NE2 HE22 sing N N 100 
GLN OXT HXT  sing N N 101 
GLU N   CA   sing N N 102 
GLU N   H    sing N N 103 
GLU N   H2   sing N N 104 
GLU CA  C    sing N N 105 
GLU CA  CB   sing N N 106 
GLU CA  HA   sing N N 107 
GLU C   O    doub N N 108 
GLU C   OXT  sing N N 109 
GLU CB  CG   sing N N 110 
GLU CB  HB2  sing N N 111 
GLU CB  HB3  sing N N 112 
GLU CG  CD   sing N N 113 
GLU CG  HG2  sing N N 114 
GLU CG  HG3  sing N N 115 
GLU CD  OE1  doub N N 116 
GLU CD  OE2  sing N N 117 
GLU OE2 HE2  sing N N 118 
GLU OXT HXT  sing N N 119 
GLY N   CA   sing N N 120 
GLY N   H    sing N N 121 
GLY N   H2   sing N N 122 
GLY CA  C    sing N N 123 
GLY CA  HA2  sing N N 124 
GLY CA  HA3  sing N N 125 
GLY C   O    doub N N 126 
GLY C   OXT  sing N N 127 
GLY OXT HXT  sing N N 128 
HIS N   CA   sing N N 129 
HIS N   H    sing N N 130 
HIS N   H2   sing N N 131 
HIS CA  C    sing N N 132 
HIS CA  CB   sing N N 133 
HIS CA  HA   sing N N 134 
HIS C   O    doub N N 135 
HIS C   OXT  sing N N 136 
HIS CB  CG   sing N N 137 
HIS CB  HB2  sing N N 138 
HIS CB  HB3  sing N N 139 
HIS CG  ND1  sing Y N 140 
HIS CG  CD2  doub Y N 141 
HIS ND1 CE1  doub Y N 142 
HIS ND1 HD1  sing N N 143 
HIS CD2 NE2  sing Y N 144 
HIS CD2 HD2  sing N N 145 
HIS CE1 NE2  sing Y N 146 
HIS CE1 HE1  sing N N 147 
HIS NE2 HE2  sing N N 148 
HIS OXT HXT  sing N N 149 
ILE N   CA   sing N N 150 
ILE N   H    sing N N 151 
ILE N   H2   sing N N 152 
ILE CA  C    sing N N 153 
ILE CA  CB   sing N N 154 
ILE CA  HA   sing N N 155 
ILE C   O    doub N N 156 
ILE C   OXT  sing N N 157 
ILE CB  CG1  sing N N 158 
ILE CB  CG2  sing N N 159 
ILE CB  HB   sing N N 160 
ILE CG1 CD1  sing N N 161 
ILE CG1 HG12 sing N N 162 
ILE CG1 HG13 sing N N 163 
ILE CG2 HG21 sing N N 164 
ILE CG2 HG22 sing N N 165 
ILE CG2 HG23 sing N N 166 
ILE CD1 HD11 sing N N 167 
ILE CD1 HD12 sing N N 168 
ILE CD1 HD13 sing N N 169 
ILE OXT HXT  sing N N 170 
LEU N   CA   sing N N 171 
LEU N   H    sing N N 172 
LEU N   H2   sing N N 173 
LEU CA  C    sing N N 174 
LEU CA  CB   sing N N 175 
LEU CA  HA   sing N N 176 
LEU C   O    doub N N 177 
LEU C   OXT  sing N N 178 
LEU CB  CG   sing N N 179 
LEU CB  HB2  sing N N 180 
LEU CB  HB3  sing N N 181 
LEU CG  CD1  sing N N 182 
LEU CG  CD2  sing N N 183 
LEU CG  HG   sing N N 184 
LEU CD1 HD11 sing N N 185 
LEU CD1 HD12 sing N N 186 
LEU CD1 HD13 sing N N 187 
LEU CD2 HD21 sing N N 188 
LEU CD2 HD22 sing N N 189 
LEU CD2 HD23 sing N N 190 
LEU OXT HXT  sing N N 191 
LYS N   CA   sing N N 192 
LYS N   H    sing N N 193 
LYS N   H2   sing N N 194 
LYS CA  C    sing N N 195 
LYS CA  CB   sing N N 196 
LYS CA  HA   sing N N 197 
LYS C   O    doub N N 198 
LYS C   OXT  sing N N 199 
LYS CB  CG   sing N N 200 
LYS CB  HB2  sing N N 201 
LYS CB  HB3  sing N N 202 
LYS CG  CD   sing N N 203 
LYS CG  HG2  sing N N 204 
LYS CG  HG3  sing N N 205 
LYS CD  CE   sing N N 206 
LYS CD  HD2  sing N N 207 
LYS CD  HD3  sing N N 208 
LYS CE  NZ   sing N N 209 
LYS CE  HE2  sing N N 210 
LYS CE  HE3  sing N N 211 
LYS NZ  HZ1  sing N N 212 
LYS NZ  HZ2  sing N N 213 
LYS NZ  HZ3  sing N N 214 
LYS OXT HXT  sing N N 215 
MET N   CA   sing N N 216 
MET N   H    sing N N 217 
MET N   H2   sing N N 218 
MET CA  C    sing N N 219 
MET CA  CB   sing N N 220 
MET CA  HA   sing N N 221 
MET C   O    doub N N 222 
MET C   OXT  sing N N 223 
MET CB  CG   sing N N 224 
MET CB  HB2  sing N N 225 
MET CB  HB3  sing N N 226 
MET CG  SD   sing N N 227 
MET CG  HG2  sing N N 228 
MET CG  HG3  sing N N 229 
MET SD  CE   sing N N 230 
MET CE  HE1  sing N N 231 
MET CE  HE2  sing N N 232 
MET CE  HE3  sing N N 233 
MET OXT HXT  sing N N 234 
PHE N   CA   sing N N 235 
PHE N   H    sing N N 236 
PHE N   H2   sing N N 237 
PHE CA  C    sing N N 238 
PHE CA  CB   sing N N 239 
PHE CA  HA   sing N N 240 
PHE C   O    doub N N 241 
PHE C   OXT  sing N N 242 
PHE CB  CG   sing N N 243 
PHE CB  HB2  sing N N 244 
PHE CB  HB3  sing N N 245 
PHE CG  CD1  doub Y N 246 
PHE CG  CD2  sing Y N 247 
PHE CD1 CE1  sing Y N 248 
PHE CD1 HD1  sing N N 249 
PHE CD2 CE2  doub Y N 250 
PHE CD2 HD2  sing N N 251 
PHE CE1 CZ   doub Y N 252 
PHE CE1 HE1  sing N N 253 
PHE CE2 CZ   sing Y N 254 
PHE CE2 HE2  sing N N 255 
PHE CZ  HZ   sing N N 256 
PHE OXT HXT  sing N N 257 
PRO N   CA   sing N N 258 
PRO N   CD   sing N N 259 
PRO N   H    sing N N 260 
PRO CA  C    sing N N 261 
PRO CA  CB   sing N N 262 
PRO CA  HA   sing N N 263 
PRO C   O    doub N N 264 
PRO C   OXT  sing N N 265 
PRO CB  CG   sing N N 266 
PRO CB  HB2  sing N N 267 
PRO CB  HB3  sing N N 268 
PRO CG  CD   sing N N 269 
PRO CG  HG2  sing N N 270 
PRO CG  HG3  sing N N 271 
PRO CD  HD2  sing N N 272 
PRO CD  HD3  sing N N 273 
PRO OXT HXT  sing N N 274 
SER N   CA   sing N N 275 
SER N   H    sing N N 276 
SER N   H2   sing N N 277 
SER CA  C    sing N N 278 
SER CA  CB   sing N N 279 
SER CA  HA   sing N N 280 
SER C   O    doub N N 281 
SER C   OXT  sing N N 282 
SER CB  OG   sing N N 283 
SER CB  HB2  sing N N 284 
SER CB  HB3  sing N N 285 
SER OG  HG   sing N N 286 
SER OXT HXT  sing N N 287 
THR N   CA   sing N N 288 
THR N   H    sing N N 289 
THR N   H2   sing N N 290 
THR CA  C    sing N N 291 
THR CA  CB   sing N N 292 
THR CA  HA   sing N N 293 
THR C   O    doub N N 294 
THR C   OXT  sing N N 295 
THR CB  OG1  sing N N 296 
THR CB  CG2  sing N N 297 
THR CB  HB   sing N N 298 
THR OG1 HG1  sing N N 299 
THR CG2 HG21 sing N N 300 
THR CG2 HG22 sing N N 301 
THR CG2 HG23 sing N N 302 
THR OXT HXT  sing N N 303 
TRP N   CA   sing N N 304 
TRP N   H    sing N N 305 
TRP N   H2   sing N N 306 
TRP CA  C    sing N N 307 
TRP CA  CB   sing N N 308 
TRP CA  HA   sing N N 309 
TRP C   O    doub N N 310 
TRP C   OXT  sing N N 311 
TRP CB  CG   sing N N 312 
TRP CB  HB2  sing N N 313 
TRP CB  HB3  sing N N 314 
TRP CG  CD1  doub Y N 315 
TRP CG  CD2  sing Y N 316 
TRP CD1 NE1  sing Y N 317 
TRP CD1 HD1  sing N N 318 
TRP CD2 CE2  doub Y N 319 
TRP CD2 CE3  sing Y N 320 
TRP NE1 CE2  sing Y N 321 
TRP NE1 HE1  sing N N 322 
TRP CE2 CZ2  sing Y N 323 
TRP CE3 CZ3  doub Y N 324 
TRP CE3 HE3  sing N N 325 
TRP CZ2 CH2  doub Y N 326 
TRP CZ2 HZ2  sing N N 327 
TRP CZ3 CH2  sing Y N 328 
TRP CZ3 HZ3  sing N N 329 
TRP CH2 HH2  sing N N 330 
TRP OXT HXT  sing N N 331 
TYR N   CA   sing N N 332 
TYR N   H    sing N N 333 
TYR N   H2   sing N N 334 
TYR CA  C    sing N N 335 
TYR CA  CB   sing N N 336 
TYR CA  HA   sing N N 337 
TYR C   O    doub N N 338 
TYR C   OXT  sing N N 339 
TYR CB  CG   sing N N 340 
TYR CB  HB2  sing N N 341 
TYR CB  HB3  sing N N 342 
TYR CG  CD1  doub Y N 343 
TYR CG  CD2  sing Y N 344 
TYR CD1 CE1  sing Y N 345 
TYR CD1 HD1  sing N N 346 
TYR CD2 CE2  doub Y N 347 
TYR CD2 HD2  sing N N 348 
TYR CE1 CZ   doub Y N 349 
TYR CE1 HE1  sing N N 350 
TYR CE2 CZ   sing Y N 351 
TYR CE2 HE2  sing N N 352 
TYR CZ  OH   sing N N 353 
TYR OH  HH   sing N N 354 
TYR OXT HXT  sing N N 355 
VAL N   CA   sing N N 356 
VAL N   H    sing N N 357 
VAL N   H2   sing N N 358 
VAL CA  C    sing N N 359 
VAL CA  CB   sing N N 360 
VAL CA  HA   sing N N 361 
VAL C   O    doub N N 362 
VAL C   OXT  sing N N 363 
VAL CB  CG1  sing N N 364 
VAL CB  CG2  sing N N 365 
VAL CB  HB   sing N N 366 
VAL CG1 HG11 sing N N 367 
VAL CG1 HG12 sing N N 368 
VAL CG1 HG13 sing N N 369 
VAL CG2 HG21 sing N N 370 
VAL CG2 HG22 sing N N 371 
VAL CG2 HG23 sing N N 372 
VAL OXT HXT  sing N N 373 
# 
_pdbx_coordinate_model.asym_id   A 
_pdbx_coordinate_model.type      'CA ATOMS ONLY' 
# 
_atom_sites.entry_id                    1HPB 
_atom_sites.fract_transf_matrix[1][1]   -0.00878630 
_atom_sites.fract_transf_matrix[1][2]   0.00910861 
_atom_sites.fract_transf_matrix[1][3]   0.02210443 
_atom_sites.fract_transf_matrix[2][1]   -0.01224849 
_atom_sites.fract_transf_matrix[2][2]   0.00533328 
_atom_sites.fract_transf_matrix[2][3]   -0.00706635 
_atom_sites.fract_transf_matrix[3][1]   -0.00537231 
_atom_sites.fract_transf_matrix[3][2]   -0.00981094 
_atom_sites.fract_transf_matrix[3][3]   0.00190737 
_atom_sites.fract_transf_vector[1]      0.471499 
_atom_sites.fract_transf_vector[2]      0.495598 
_atom_sites.fract_transf_vector[3]      0.935077 
# 
loop_
_atom_type.symbol 
C 
N 
O 
# 
loop_
_atom_site.group_PDB 
_atom_site.id 
_atom_site.type_symbol 
_atom_site.label_atom_id 
_atom_site.label_alt_id 
_atom_site.label_comp_id 
_atom_site.label_asym_id 
_atom_site.label_entity_id 
_atom_site.label_seq_id 
_atom_site.pdbx_PDB_ins_code 
_atom_site.Cartn_x 
_atom_site.Cartn_y 
_atom_site.Cartn_z 
_atom_site.occupancy 
_atom_site.B_iso_or_equiv 
_atom_site.pdbx_formal_charge 
_atom_site.auth_seq_id 
_atom_site.auth_comp_id 
_atom_site.auth_asym_id 
_atom_site.auth_atom_id 
_atom_site.pdbx_PDB_model_num 
ATOM   1   C CA  . ALA A 1 1   ? 26.044  7.621   11.966  1.00 39.91 ? 1   ALA P CA  1 
ATOM   2   C CA  . ILE A 1 2   ? 23.163  8.720   9.563   1.00 40.76 ? 2   ILE P CA  1 
ATOM   3   C CA  . PRO A 1 3   ? 24.167  7.894   5.913   1.00 42.21 ? 3   PRO P CA  1 
ATOM   4   C CA  . GLN A 1 4   ? 24.748  10.551  3.462   1.00 38.52 ? 4   GLN P CA  1 
ATOM   5   C CA  . LYS A 1 5   ? 22.781  8.711   0.856   1.00 34.94 ? 5   LYS P CA  1 
ATOM   6   C CA  . ILE A 1 6   ? 19.778  6.298   1.278   1.00 30.08 ? 6   ILE P CA  1 
ATOM   7   C CA  . ARG A 1 7   ? 17.848  4.068   -1.253  1.00 28.93 ? 7   ARG P CA  1 
ATOM   8   C CA  . ILE A 1 8   ? 14.016  4.032   -0.852  1.00 28.28 ? 8   ILE P CA  1 
ATOM   9   C CA  . GLY A 1 9   ? 12.461  1.241   -2.899  1.00 27.33 ? 9   GLY P CA  1 
ATOM   10  C CA  . THR A 1 10  ? 8.973   1.541   -4.142  1.00 25.47 ? 10  THR P CA  1 
ATOM   11  C CA  . ASP A 1 11  ? 6.575   0.040   -6.463  1.00 29.98 ? 11  ASP P CA  1 
ATOM   12  C CA  . PRO A 1 12  ? 4.951   2.686   -8.807  1.00 24.29 ? 12  PRO P CA  1 
ATOM   13  C CA  . THR A 1 13  ? 1.545   1.121   -9.326  1.00 26.23 ? 13  THR P CA  1 
ATOM   14  C CA  . TYR A 1 14  ? -0.591  2.236   -6.387  1.00 22.25 ? 14  TYR P CA  1 
ATOM   15  C CA  . ALA A 1 15  ? -2.055  5.652   -6.887  1.00 19.36 ? 15  ALA P CA  1 
ATOM   16  C CA  . PRO A 1 16  ? -2.663  7.955   -4.755  1.00 23.67 ? 16  PRO P CA  1 
ATOM   17  C CA  . PHE A 1 17  ? 0.583   7.049   -3.072  1.00 22.85 ? 17  PHE P CA  1 
ATOM   18  C CA  . GLU A 1 18  ? 2.923   5.985   -5.879  1.00 26.02 ? 18  GLU P CA  1 
ATOM   19  C CA  . SER A 1 19  ? 2.344   6.525   -9.511  1.00 27.39 ? 19  SER P CA  1 
ATOM   20  C CA  . LYS A 1 20  ? 4.317   7.820   -12.457 1.00 31.61 ? 20  LYS P CA  1 
ATOM   21  C CA  . ASN A 1 21  ? 2.870   10.557  -14.611 1.00 36.46 ? 21  ASN P CA  1 
ATOM   22  C CA  . ALA A 1 22  ? 2.723   11.947  -18.103 1.00 41.54 ? 22  ALA P CA  1 
ATOM   23  C CA  . GLN A 1 23  ? 6.451   12.485  -18.187 1.00 41.66 ? 23  GLN P CA  1 
ATOM   24  C CA  . GLY A 1 24  ? 7.367   9.558   -15.999 1.00 32.20 ? 24  GLY P CA  1 
ATOM   25  C CA  . GLU A 1 25  ? 8.076   11.421  -12.836 1.00 31.99 ? 25  GLU P CA  1 
ATOM   26  C CA  . LEU A 1 26  ? 7.306   9.551   -9.567  1.00 28.58 ? 26  LEU P CA  1 
ATOM   27  C CA  . VAL A 1 27  ? 4.130   11.139  -8.203  1.00 27.98 ? 27  VAL P CA  1 
ATOM   28  C CA  . GLY A 1 28  ? 2.183   10.571  -4.910  1.00 22.25 ? 28  GLY P CA  1 
ATOM   29  C CA  . PHE A 1 29  ? 1.673   10.992  -1.186  1.00 22.21 ? 29  PHE P CA  1 
ATOM   30  C CA  . ASP A 1 30  ? 4.380   8.555   -0.060  1.00 31.69 ? 30  ASP P CA  1 
ATOM   31  C CA  . ILE A 1 31  ? 6.828   10.433  -2.402  1.00 32.20 ? 31  ILE P CA  1 
ATOM   32  C CA  . ASP A 1 32  ? 5.816   13.654  -0.733  1.00 29.65 ? 32  ASP P CA  1 
ATOM   33  C CA  . LEU A 1 33  ? 6.343   12.291  2.807   1.00 32.24 ? 33  LEU P CA  1 
ATOM   34  C CA  . ALA A 1 34  ? 9.511   10.364  2.046   1.00 26.01 ? 34  ALA P CA  1 
ATOM   35  C CA  . LYS A 1 35  ? 11.259  13.414  0.477   1.00 29.94 ? 35  LYS P CA  1 
ATOM   36  C CA  . GLU A 1 36  ? 10.129  15.678  3.333   1.00 31.79 ? 36  GLU P CA  1 
ATOM   37  C CA  . LEU A 1 37  ? 11.406  13.109  5.731   1.00 33.11 ? 37  LEU P CA  1 
ATOM   38  C CA  . CYS A 1 38  ? 14.793  13.065  3.927   1.00 32.69 ? 38  CYS P CA  1 
ATOM   39  C CA  . LYS A 1 39  ? 14.810  16.852  3.865   1.00 30.75 ? 39  LYS P CA  1 
ATOM   40  C CA  . ARG A 1 40  ? 14.250  16.684  7.518   1.00 24.93 ? 40  ARG P CA  1 
ATOM   41  C CA  . ILE A 1 41  ? 17.017  14.122  8.415   1.00 29.24 ? 41  ILE P CA  1 
ATOM   42  C CA  . ASN A 1 42  ? 19.309  15.821  5.854   1.00 37.19 ? 42  ASN P CA  1 
ATOM   43  C CA  . THR A 1 43  ? 20.071  12.773  3.763   1.00 40.24 ? 43  THR P CA  1 
ATOM   44  C CA  . GLN A 1 44  ? 19.766  12.433  -0.024  1.00 39.76 ? 44  GLN P CA  1 
ATOM   45  C CA  . CYS A 1 45  ? 17.428  9.641   -1.303  1.00 35.22 ? 45  CYS P CA  1 
ATOM   46  C CA  . THR A 1 46  ? 17.220  7.563   -4.480  1.00 32.81 ? 46  THR P CA  1 
ATOM   47  C CA  . PHE A 1 47  ? 13.777  6.049   -5.107  1.00 30.51 ? 47  PHE P CA  1 
ATOM   48  C CA  . VAL A 1 48  ? 14.488  2.579   -6.570  1.00 30.67 ? 48  VAL P CA  1 
ATOM   49  C CA  . GLU A 1 49  ? 11.572  1.042   -8.463  1.00 34.90 ? 49  GLU P CA  1 
ATOM   50  C CA  . ASN A 1 50  ? 10.687  -2.589  -7.817  1.00 34.53 ? 50  ASN P CA  1 
ATOM   51  C CA  . PRO A 1 51  ? 7.413   -4.793  -7.776  1.00 33.49 ? 51  PRO P CA  1 
ATOM   52  C CA  . LEU A 1 52  ? 6.062   -5.004  -4.180  1.00 29.30 ? 52  LEU P CA  1 
ATOM   53  C CA  . ASP A 1 53  ? 6.848   -8.709  -3.991  1.00 30.41 ? 53  ASP P CA  1 
ATOM   54  C CA  . ALA A 1 54  ? 10.558  -7.909  -4.494  1.00 26.82 ? 54  ALA P CA  1 
ATOM   55  C CA  . LEU A 1 55  ? 11.039  -5.260  -1.882  1.00 23.87 ? 55  LEU P CA  1 
ATOM   56  C CA  . ILE A 1 56  ? 11.538  -7.023  1.539   1.00 25.81 ? 56  ILE P CA  1 
ATOM   57  C CA  . PRO A 1 57  ? 14.295  -9.279  0.179   1.00 31.92 ? 57  PRO P CA  1 
ATOM   58  C CA  . SER A 1 58  ? 16.109  -6.206  -1.385  1.00 31.60 ? 58  SER P CA  1 
ATOM   59  C CA  . LEU A 1 59  ? 16.072  -4.305  1.964   1.00 26.82 ? 59  LEU P CA  1 
ATOM   60  C CA  . LYS A 1 60  ? 17.500  -7.304  3.662   1.00 30.69 ? 60  LYS P CA  1 
ATOM   61  C CA  . ALA A 1 61  ? 20.102  -8.020  0.961   1.00 28.89 ? 61  ALA P CA  1 
ATOM   62  C CA  . LYS A 1 62  ? 21.273  -4.337  1.386   1.00 27.79 ? 62  LYS P CA  1 
ATOM   63  C CA  . LYS A 1 63  ? 20.203  -3.434  -2.077  1.00 26.61 ? 63  LYS P CA  1 
ATOM   64  C CA  . ILE A 1 64  ? 17.799  -0.827  -0.771  1.00 32.25 ? 64  ILE P CA  1 
ATOM   65  C CA  . ASP A 1 65  ? 17.575  1.084   2.537   1.00 32.15 ? 65  ASP P CA  1 
ATOM   66  C CA  . ALA A 1 66  ? 13.916  1.717   3.222   1.00 29.59 ? 66  ALA P CA  1 
ATOM   67  C CA  . ILE A 1 67  ? 10.570  0.703   1.760   1.00 31.45 ? 67  ILE P CA  1 
ATOM   68  C CA  . MET A 1 68  ? 8.060   3.308   1.124   1.00 35.45 ? 68  MET P CA  1 
ATOM   69  C CA  . SER A 1 69  ? 5.135   1.615   -0.603  1.00 27.42 ? 69  SER P CA  1 
ATOM   70  C CA  . SER A 1 70  ? 2.028   1.805   1.626   1.00 28.53 ? 70  SER P CA  1 
ATOM   71  C CA  . LEU A 1 71  ? 3.351   -1.310  3.228   1.00 26.83 ? 71  LEU P CA  1 
ATOM   72  C CA  . SER A 1 72  ? 1.141   -2.407  6.090   1.00 21.15 ? 72  SER P CA  1 
ATOM   73  C CA  . ILE A 1 73  ? 2.826   -2.964  9.411   1.00 22.63 ? 73  ILE P CA  1 
ATOM   74  C CA  . THR A 1 74  ? 2.065   -6.535  10.369  1.00 24.22 ? 74  THR P CA  1 
ATOM   75  C CA  . GLU A 1 75  ? 3.335   -9.200  12.855  1.00 32.73 ? 75  GLU P CA  1 
ATOM   76  C CA  . LYS A 1 76  ? 4.422   -11.534 9.972   1.00 29.04 ? 76  LYS P CA  1 
ATOM   77  C CA  . ARG A 1 77  ? 6.365   -8.652  8.312   1.00 29.57 ? 77  ARG P CA  1 
ATOM   78  C CA  . GLN A 1 78  ? 7.537   -7.210  11.559  1.00 26.13 ? 78  GLN P CA  1 
ATOM   79  C CA  . GLN A 1 79  ? 9.428   -10.335 12.261  1.00 38.59 ? 79  GLN P CA  1 
ATOM   80  C CA  . GLU A 1 80  ? 11.998  -9.848  9.426   1.00 39.10 ? 80  GLU P CA  1 
ATOM   81  C CA  . ILE A 1 81  ? 12.350  -6.069  9.168   1.00 25.14 ? 81  ILE P CA  1 
ATOM   82  C CA  . ALA A 1 82  ? 11.500  -2.995  11.201  1.00 25.48 ? 82  ALA P CA  1 
ATOM   83  C CA  . PHE A 1 83  ? 9.043   -0.208  10.282  1.00 28.52 ? 83  PHE P CA  1 
ATOM   84  C CA  . THR A 1 84  ? 8.798   3.492   11.365  1.00 31.41 ? 84  THR P CA  1 
ATOM   85  C CA  . ASP A 1 85  ? 5.612   4.820   12.976  1.00 33.24 ? 85  ASP P CA  1 
ATOM   86  C CA  . LYS A 1 86  ? 2.187   4.538   11.354  1.00 29.57 ? 86  LYS P CA  1 
ATOM   87  C CA  . LEU A 1 87  ? 2.172   7.062   8.604   1.00 23.23 ? 87  LEU P CA  1 
ATOM   88  C CA  . TYR A 1 88  ? -1.572  6.854   7.843   1.00 23.32 ? 88  TYR P CA  1 
ATOM   89  C CA  . ALA A 1 89  ? -4.247  4.050   8.089   1.00 31.16 ? 89  ALA P CA  1 
ATOM   90  C CA  . ALA A 1 90  ? -5.196  1.156   5.723   1.00 25.79 ? 90  ALA P CA  1 
ATOM   91  C CA  . ASP A 1 91  ? -8.147  -1.300  5.445   1.00 29.03 ? 91  ASP P CA  1 
ATOM   92  C CA  . SER A 1 92  ? -8.687  -3.877  2.682   1.00 21.51 ? 92  SER P CA  1 
ATOM   93  C CA  . ARG A 1 93  ? -11.868 -4.116  0.680   1.00 19.95 ? 93  ARG P CA  1 
ATOM   94  C CA  . LEU A 1 94  ? -13.375 -5.685  -2.401  1.00 23.88 ? 94  LEU P CA  1 
ATOM   95  C CA  . VAL A 1 95  ? -14.330 -3.528  -5.407  1.00 26.11 ? 95  VAL P CA  1 
ATOM   96  C CA  . VAL A 1 96  ? -17.164 -5.258  -7.267  1.00 21.10 ? 96  VAL P CA  1 
ATOM   97  C CA  . ALA A 1 97  ? -19.003 -4.015  -10.342 1.00 20.95 ? 97  ALA P CA  1 
ATOM   98  C CA  . LYS A 1 98  ? -22.187 -2.059  -9.796  1.00 30.92 ? 98  LYS P CA  1 
ATOM   99  C CA  . ASN A 1 99  ? -25.163 -4.503  -10.413 1.00 41.18 ? 99  ASN P CA  1 
ATOM   100 C CA  . SER A 1 100 ? -22.982 -7.173  -8.960  1.00 34.84 ? 100 SER P CA  1 
ATOM   101 C CA  . ASP A 1 101 ? -23.733 -8.000  -5.320  1.00 35.30 ? 101 ASP P CA  1 
ATOM   102 C CA  . ILE A 1 102 ? -20.657 -9.745  -4.184  1.00 14.56 ? 102 ILE P CA  1 
ATOM   103 C CA  . GLN A 1 103 ? -19.792 -9.422  -0.516  1.00 26.43 ? 103 GLN P CA  1 
ATOM   104 C CA  . PRO A 1 104 ? -16.657 -10.752 1.324   1.00 19.22 ? 104 PRO P CA  1 
ATOM   105 C CA  . THR A 1 105 ? -18.049 -14.213 2.045   1.00 24.35 ? 105 THR P CA  1 
ATOM   106 C CA  . VAL A 1 106 ? -17.321 -17.844 1.189   1.00 25.99 ? 106 VAL P CA  1 
ATOM   107 C CA  . ALA A 1 107 ? -20.989 -17.709 0.304   1.00 29.06 ? 107 ALA P CA  1 
ATOM   108 C CA  . SER A 1 108 ? -20.736 -15.007 -2.413  1.00 30.43 ? 108 SER P CA  1 
ATOM   109 C CA  . LEU A 1 109 ? -17.234 -15.803 -3.574  1.00 31.35 ? 109 LEU P CA  1 
ATOM   110 C CA  . LYS A 1 110 ? -17.624 -19.553 -4.122  1.00 30.17 ? 110 LYS P CA  1 
ATOM   111 C CA  . GLY A 1 111 ? -16.660 -20.239 -7.690  1.00 29.99 ? 111 GLY P CA  1 
ATOM   112 C CA  . LYS A 1 112 ? -15.284 -16.731 -8.326  1.00 30.22 ? 112 LYS P CA  1 
ATOM   113 C CA  . ARG A 1 113 ? -11.899 -15.105 -9.170  1.00 24.36 ? 113 ARG P CA  1 
ATOM   114 C CA  . VAL A 1 114 ? -10.672 -12.396 -6.811  1.00 23.66 ? 114 VAL P CA  1 
ATOM   115 C CA  . GLY A 1 115 ? -7.714  -10.526 -8.256  1.00 21.18 ? 115 GLY P CA  1 
ATOM   116 C CA  . VAL A 1 116 ? -4.953  -9.537  -5.795  1.00 23.27 ? 116 VAL P CA  1 
ATOM   117 C CA  . LEU A 1 117 ? -1.273  -8.474  -5.973  1.00 24.30 ? 117 LEU P CA  1 
ATOM   118 C CA  . GLN A 1 118 ? 1.864   -10.341 -5.364  1.00 23.72 ? 118 GLN P CA  1 
ATOM   119 C CA  . GLY A 1 119 ? 3.183   -9.944  -1.892  1.00 24.10 ? 119 GLY P CA  1 
ATOM   120 C CA  . THR A 1 120 ? 0.267   -7.953  -0.420  1.00 25.05 ? 120 THR P CA  1 
ATOM   121 C CA  . THR A 1 121 ? -1.454  -8.772  2.863   1.00 24.71 ? 121 THR P CA  1 
ATOM   122 C CA  . GLN A 1 122 ? -4.509  -9.344  0.704   1.00 26.55 ? 122 GLN P CA  1 
ATOM   123 C CA  . GLU A 1 123 ? -2.716  -12.003 -1.268  1.00 28.91 ? 123 GLU P CA  1 
ATOM   124 C CA  . THR A 1 124 ? -1.805  -13.737 1.962   1.00 28.24 ? 124 THR P CA  1 
ATOM   125 C CA  . PHE A 1 125 ? -5.287  -13.787 3.536   1.00 24.73 ? 125 PHE P CA  1 
ATOM   126 C CA  . GLY A 1 126 ? -6.756  -14.904 0.129   1.00 24.79 ? 126 GLY P CA  1 
ATOM   127 C CA  . ASN A 1 127 ? -4.410  -17.977 -0.233  1.00 22.33 ? 127 ASN P CA  1 
ATOM   128 C CA  . GLU A 1 128 ? -5.127  -18.893 3.394   1.00 21.54 ? 128 GLU P CA  1 
ATOM   129 C CA  . HIS A 1 129 ? -8.777  -18.190 3.797   1.00 27.74 ? 129 HIS P CA  1 
ATOM   130 C CA  . TRP A 1 130 ? -10.577 -18.175 0.580   1.00 27.89 ? 130 TRP P CA  1 
ATOM   131 C CA  . ALA A 1 131 ? -8.479  -20.356 -1.655  1.00 28.10 ? 131 ALA P CA  1 
ATOM   132 C CA  . PRO A 1 132 ? -8.843  -23.738 0.184   1.00 31.97 ? 132 PRO P CA  1 
ATOM   133 C CA  . LYS A 1 133 ? -12.652 -23.176 0.128   1.00 24.48 ? 133 LYS P CA  1 
ATOM   134 C CA  . GLY A 1 134 ? -12.842 -22.949 -3.700  1.00 23.71 ? 134 GLY P CA  1 
ATOM   135 C CA  . ILE A 1 135 ? -12.452 -19.250 -4.320  1.00 25.33 ? 135 ILE P CA  1 
ATOM   136 C CA  . GLU A 1 136 ? -9.866  -18.412 -7.151  1.00 26.87 ? 136 GLU P CA  1 
ATOM   137 C CA  . ILE A 1 137 ? -7.159  -16.018 -5.849  1.00 25.42 ? 137 ILE P CA  1 
ATOM   138 C CA  . VAL A 1 138 ? -5.707  -14.506 -9.024  1.00 18.25 ? 138 VAL P CA  1 
ATOM   139 C CA  . SER A 1 139 ? -2.306  -12.821 -8.424  1.00 26.09 ? 139 SER P CA  1 
ATOM   140 C CA  . TYR A 1 140 ? -0.845  -9.875  -10.377 1.00 26.29 ? 140 TYR P CA  1 
ATOM   141 C CA  . GLN A 1 141 ? 2.286   -7.657  -10.820 1.00 31.41 ? 141 GLN P CA  1 
ATOM   142 C CA  . GLY A 1 142 ? 0.806   -4.189  -11.490 1.00 31.85 ? 142 GLY P CA  1 
ATOM   143 C CA  . GLN A 1 143 ? -2.178  -2.774  -9.594  1.00 29.17 ? 143 GLN P CA  1 
ATOM   144 C CA  . ASP A 1 144 ? -3.778  -1.229  -12.479 1.00 31.20 ? 144 ASP P CA  1 
ATOM   145 C CA  . ASN A 1 145 ? -3.837  -4.611  -14.269 1.00 26.28 ? 145 ASN P CA  1 
ATOM   146 C CA  . ILE A 1 146 ? -6.118  -6.007  -11.457 1.00 20.46 ? 146 ILE P CA  1 
ATOM   147 C CA  . TYR A 1 147 ? -8.361  -2.958  -12.177 1.00 16.73 ? 147 TYR P CA  1 
ATOM   148 C CA  . SER A 1 148 ? -8.039  -3.556  -15.845 1.00 21.68 ? 148 SER P CA  1 
ATOM   149 C CA  . ASP A 1 149 ? -8.893  -7.280  -15.775 1.00 25.20 ? 149 ASP P CA  1 
ATOM   150 C CA  . LEU A 1 150 ? -11.804 -6.364  -13.550 1.00 26.15 ? 150 LEU P CA  1 
ATOM   151 C CA  . THR A 1 151 ? -13.382 -4.226  -16.183 1.00 19.77 ? 151 THR P CA  1 
ATOM   152 C CA  . ALA A 1 152 ? -12.478 -6.666  -19.048 1.00 19.65 ? 152 ALA P CA  1 
ATOM   153 C CA  . GLY A 1 153 ? -14.606 -8.952  -16.897 1.00 19.76 ? 153 GLY P CA  1 
ATOM   154 C CA  . ARG A 1 154 ? -11.914 -11.520 -16.200 1.00 22.21 ? 154 ARG P CA  1 
ATOM   155 C CA  . ILE A 1 155 ? -11.813 -11.344 -12.451 1.00 24.26 ? 155 ILE P CA  1 
ATOM   156 C CA  . ASP A 1 156 ? -14.843 -10.787 -10.258 1.00 21.65 ? 156 ASP P CA  1 
ATOM   157 C CA  . ALA A 1 157 ? -13.657 -8.715  -7.440  1.00 22.49 ? 157 ALA P CA  1 
ATOM   158 C CA  . ALA A 1 158 ? -10.409 -6.729  -6.818  1.00 26.64 ? 158 ALA P CA  1 
ATOM   159 C CA  . PHE A 1 159 ? -8.981  -6.873  -3.294  1.00 19.27 ? 159 PHE P CA  1 
ATOM   160 C CA  . GLN A 1 160 ? -6.841  -3.919  -2.136  1.00 19.43 ? 160 GLN P CA  1 
ATOM   161 C CA  . ASP A 1 161 ? -6.698  -1.209  0.352   1.00 20.51 ? 161 ASP P CA  1 
ATOM   162 C CA  . GLU A 1 162 ? -9.791  0.948   0.613   1.00 27.29 ? 162 GLU P CA  1 
ATOM   163 C CA  . VAL A 1 163 ? -8.452  4.515   -0.193  1.00 22.18 ? 163 VAL P CA  1 
ATOM   164 C CA  . ALA A 1 164 ? -6.324  3.446   -3.089  1.00 22.76 ? 164 ALA P CA  1 
ATOM   165 C CA  . ALA A 1 165 ? -9.360  1.825   -4.763  1.00 28.92 ? 165 ALA P CA  1 
ATOM   166 C CA  . SER A 1 166 ? -11.491 4.965   -4.211  1.00 23.23 ? 166 SER P CA  1 
ATOM   167 C CA  . GLU A 1 167 ? -8.891  7.520   -5.224  1.00 21.32 ? 167 GLU P CA  1 
ATOM   168 C CA  . GLY A 1 168 ? -7.197  5.621   -7.976  1.00 15.46 ? 168 GLY P CA  1 
ATOM   169 C CA  . PHE A 1 169 ? -10.060 3.688   -9.416  1.00 19.30 ? 169 PHE P CA  1 
ATOM   170 C CA  . LEU A 1 170 ? -13.554 4.383   -8.218  1.00 16.85 ? 170 LEU P CA  1 
ATOM   171 C CA  . LYS A 1 171 ? -13.305 8.147   -8.476  1.00 26.32 ? 171 LYS P CA  1 
ATOM   172 C CA  . GLN A 1 172 ? -11.851 7.973   -11.948 1.00 22.46 ? 172 GLN P CA  1 
ATOM   173 C CA  . PRO A 1 173 ? -14.054 7.536   -15.130 1.00 31.35 ? 173 PRO P CA  1 
ATOM   174 C CA  . VAL A 1 174 ? -13.083 3.816   -15.354 1.00 29.27 ? 174 VAL P CA  1 
ATOM   175 C CA  . GLY A 1 175 ? -14.361 2.961   -11.857 1.00 19.03 ? 175 GLY P CA  1 
ATOM   176 C CA  . LYS A 1 176 ? -17.791 4.814   -11.895 1.00 23.50 ? 176 LYS P CA  1 
ATOM   177 C CA  . ASP A 1 177 ? -19.704 1.569   -12.741 1.00 28.11 ? 177 ASP P CA  1 
ATOM   178 C CA  . TYR A 1 178 ? -18.040 -0.019  -9.816  1.00 21.85 ? 178 TYR P CA  1 
ATOM   179 C CA  . LYS A 1 179 ? -18.405 0.186   -6.128  1.00 20.99 ? 179 LYS P CA  1 
ATOM   180 C CA  . PHE A 1 180 ? -17.156 -1.594  -3.036  1.00 22.40 ? 180 PHE P CA  1 
ATOM   181 C CA  . GLY A 1 181 ? -18.802 -5.056  -2.436  1.00 25.61 ? 181 GLY P CA  1 
ATOM   182 C CA  . GLY A 1 182 ? -19.817 -5.079  1.210   1.00 24.82 ? 182 GLY P CA  1 
ATOM   183 C CA  . PRO A 1 183 ? -17.539 -3.656  3.970   1.00 29.48 ? 183 PRO P CA  1 
ATOM   184 C CA  . ALA A 1 184 ? -13.856 -4.219  4.531   1.00 28.76 ? 184 ALA P CA  1 
ATOM   185 C CA  . VAL A 1 185 ? -12.211 -7.430  5.688   1.00 32.07 ? 185 VAL P CA  1 
ATOM   186 C CA  . LYS A 1 186 ? -11.038 -6.746  9.260   1.00 36.57 ? 186 LYS P CA  1 
ATOM   187 C CA  . ASP A 1 187 ? -8.213  -9.024  10.449  1.00 32.46 ? 187 ASP P CA  1 
ATOM   188 C CA  . GLU A 1 188 ? -5.667  -6.863  12.378  1.00 33.72 ? 188 GLU P CA  1 
ATOM   189 C CA  . LYS A 1 189 ? -3.157  -9.790  12.483  1.00 31.85 ? 189 LYS P CA  1 
ATOM   190 C CA  . LEU A 1 190 ? -2.796  -10.333 8.810   1.00 30.87 ? 190 LEU P CA  1 
ATOM   191 C CA  . PHE A 1 191 ? -3.895  -6.955  7.686   1.00 27.19 ? 191 PHE P CA  1 
ATOM   192 C CA  . GLY A 1 192 ? -2.589  -4.483  10.271  1.00 28.11 ? 192 GLY P CA  1 
ATOM   193 C CA  . VAL A 1 193 ? -4.429  -1.146  10.681  1.00 29.96 ? 193 VAL P CA  1 
ATOM   194 C CA  . GLY A 1 194 ? -1.876  1.228   9.036   1.00 34.25 ? 194 GLY P CA  1 
ATOM   195 C CA  . THR A 1 195 ? 1.206   1.782   6.873   1.00 31.63 ? 195 THR P CA  1 
ATOM   196 C CA  . GLY A 1 196 ? 4.869   2.329   7.522   1.00 29.87 ? 196 GLY P CA  1 
ATOM   197 C CA  . MET A 1 197 ? 8.351   2.711   6.164   1.00 22.40 ? 197 MET P CA  1 
ATOM   198 C CA  . GLY A 1 198 ? 10.189  -0.651  6.246   1.00 21.09 ? 198 GLY P CA  1 
ATOM   199 C CA  . LEU A 1 199 ? 13.777  -0.515  7.526   1.00 27.46 ? 199 LEU P CA  1 
ATOM   200 C CA  . ARG A 1 200 ? 16.148  -3.280  8.571   1.00 29.07 ? 200 ARG P CA  1 
ATOM   201 C CA  . LYS A 1 201 ? 15.930  -4.742  12.038  1.00 33.08 ? 201 LYS P CA  1 
ATOM   202 C CA  . GLU A 1 202 ? 19.658  -3.876  12.070  1.00 40.14 ? 202 GLU P CA  1 
ATOM   203 C CA  . ASP A 1 203 ? 19.158  -0.099  11.729  1.00 38.23 ? 203 ASP P CA  1 
ATOM   204 C CA  . ASN A 1 204 ? 18.189  1.329   15.102  1.00 41.99 ? 204 ASN P CA  1 
ATOM   205 C CA  . GLU A 1 205 ? 19.679  4.801   14.652  1.00 45.23 ? 205 GLU P CA  1 
ATOM   206 C CA  . LEU A 1 206 ? 17.861  5.186   11.387  1.00 41.16 ? 206 LEU P CA  1 
ATOM   207 C CA  . ARG A 1 207 ? 14.301  4.278   12.582  1.00 33.74 ? 207 ARG P CA  1 
ATOM   208 C CA  . GLU A 1 208 ? 14.263  6.654   15.565  1.00 33.18 ? 208 GLU P CA  1 
ATOM   209 C CA  . ALA A 1 209 ? 15.578  9.542   13.384  1.00 28.32 ? 209 ALA P CA  1 
ATOM   210 C CA  . LEU A 1 210 ? 12.806  8.941   10.878  1.00 25.70 ? 210 LEU P CA  1 
ATOM   211 C CA  . ASN A 1 211 ? 10.379  8.463   13.659  1.00 27.70 ? 211 ASN P CA  1 
ATOM   212 C CA  . LYS A 1 212 ? 11.235  11.777  15.328  1.00 35.85 ? 212 LYS P CA  1 
ATOM   213 C CA  . ALA A 1 213 ? 11.052  13.895  12.217  1.00 32.55 ? 213 ALA P CA  1 
ATOM   214 C CA  . PHE A 1 214 ? 7.654   12.356  11.282  1.00 27.18 ? 214 PHE P CA  1 
ATOM   215 C CA  . ALA A 1 215 ? 6.475   13.671  14.650  1.00 27.53 ? 215 ALA P CA  1 
ATOM   216 C CA  . GLU A 1 216 ? 8.040   17.150  13.991  1.00 33.43 ? 216 GLU P CA  1 
ATOM   217 C CA  . MET A 1 217 ? 6.198   17.331  10.658  1.00 23.38 ? 217 MET P CA  1 
ATOM   218 C CA  . ARG A 1 218 ? 2.783   16.215  12.064  1.00 29.47 ? 218 ARG P CA  1 
ATOM   219 C CA  . ALA A 1 219 ? 3.098   18.894  14.722  1.00 28.02 ? 219 ALA P CA  1 
ATOM   220 C CA  . ASP A 1 220 ? 4.244   21.835  12.535  1.00 28.58 ? 220 ASP P CA  1 
ATOM   221 C CA  . GLY A 1 221 ? 1.486   21.435  9.864   1.00 25.73 ? 221 GLY P CA  1 
ATOM   222 C CA  . THR A 1 222 ? 3.390   19.754  7.054   1.00 30.23 ? 222 THR P CA  1 
ATOM   223 C CA  . TYR A 1 223 ? 1.150   16.637  7.300   1.00 31.56 ? 223 TYR P CA  1 
ATOM   224 C CA  . GLU A 1 224 ? -2.001  18.707  6.785   1.00 27.63 ? 224 GLU P CA  1 
ATOM   225 C CA  . LYS A 1 225 ? -0.555  20.654  3.783   1.00 32.24 ? 225 LYS P CA  1 
ATOM   226 C CA  . LEU A 1 226 ? 0.637   17.518  2.219   1.00 27.35 ? 226 LEU P CA  1 
ATOM   227 C CA  . ALA A 1 227 ? -2.450  15.310  2.911   1.00 27.16 ? 227 ALA P CA  1 
ATOM   228 C CA  . LYS A 1 228 ? -4.784  18.076  1.509   1.00 28.45 ? 228 LYS P CA  1 
ATOM   229 C CA  . LYS A 1 229 ? -3.074  17.769  -1.899  1.00 27.76 ? 229 LYS P CA  1 
ATOM   230 C CA  . TYR A 1 230 ? -4.541  14.296  -2.006  1.00 29.37 ? 230 TYR P CA  1 
ATOM   231 C CA  . PHE A 1 231 ? -7.484  13.593  0.240   1.00 26.58 ? 231 PHE P CA  1 
ATOM   232 C CA  . ASP A 1 232 ? -10.452 15.733  1.290   1.00 30.24 ? 232 ASP P CA  1 
ATOM   233 C CA  . PHE A 1 233 ? -10.424 13.806  4.614   1.00 23.82 ? 233 PHE P CA  1 
ATOM   234 C CA  . ASP A 1 234 ? -8.363  12.772  7.639   1.00 27.57 ? 234 ASP P CA  1 
ATOM   235 C CA  . VAL A 1 235 ? -6.295  9.949   6.109   1.00 26.49 ? 235 VAL P CA  1 
ATOM   236 C CA  . TYR A 1 236 ? -4.190  9.628   9.344   1.00 25.55 ? 236 TYR P CA  1 
ATOM   237 C CA  . GLY A 1 237 ? -6.595  7.398   11.416  1.00 26.43 ? 237 GLY P CA  1 
ATOM   238 C CA  . GLY A 1 238 ? -4.682  7.263   14.777  1.00 34.74 ? 238 GLY P CA  1 
HETATM 239 N N   . HIS B 2 .   ? -0.998  -2.617  2.186   1.00 18.76 ? 240 HIS P N   1 
HETATM 240 C CA  . HIS B 2 .   ? -0.952  -3.795  1.390   1.00 15.09 ? 240 HIS P CA  1 
HETATM 241 C C   . HIS B 2 .   ? 0.437   -4.405  1.548   1.00 12.93 ? 240 HIS P C   1 
HETATM 242 O O   . HIS B 2 .   ? 1.135   -4.093  2.493   1.00 12.30 ? 240 HIS P O   1 
HETATM 243 C CB  . HIS B 2 .   ? -1.334  -3.383  -0.062  1.00 17.86 ? 240 HIS P CB  1 
HETATM 244 C CG  . HIS B 2 .   ? -0.325  -2.664  -0.957  1.00 18.33 ? 240 HIS P CG  1 
HETATM 245 N ND1 . HIS B 2 .   ? -0.421  -2.591  -2.279  1.00 19.89 ? 240 HIS P ND1 1 
HETATM 246 C CD2 . HIS B 2 .   ? 0.883   -2.115  -0.580  1.00 18.69 ? 240 HIS P CD2 1 
HETATM 247 C CE1 . HIS B 2 .   ? 0.704   -2.043  -2.697  1.00 21.52 ? 240 HIS P CE1 1 
HETATM 248 N NE2 . HIS B 2 .   ? 1.473   -1.761  -1.670  1.00 20.80 ? 240 HIS P NE2 1 
HETATM 249 O OXT . HIS B 2 .   ? 0.812   -5.219  0.746   1.00 13.33 ? 240 HIS P OXT 1 
# 
